data_2LO3
#
_entry.id   2LO3
#
loop_
_entity.id
_entity.type
_entity.pdbx_description
1 polymer 'SAGA-associated factor 73'
2 non-polymer 'ZINC ION'
#
_entity_poly.entity_id   1
_entity_poly.type   'polypeptide(L)'
_entity_poly.pdbx_seq_one_letter_code
;NPNAQLIEDPLDKPIQYRVCEKCGKPLALTAIVDHLENHCAGAS
;
_entity_poly.pdbx_strand_id   A
#
loop_
_chem_comp.id
_chem_comp.type
_chem_comp.name
_chem_comp.formula
ZN non-polymer 'ZINC ION' 'Zn 2'
#
# COMPACT_ATOMS: atom_id res chain seq x y z
N ASN A 1 26.77 -19.32 -19.57
CA ASN A 1 26.52 -17.88 -19.56
C ASN A 1 25.04 -17.63 -19.43
N PRO A 2 24.63 -16.55 -18.75
CA PRO A 2 23.25 -16.21 -18.65
C PRO A 2 22.75 -15.48 -19.91
N ASN A 3 22.28 -16.26 -20.88
CA ASN A 3 21.78 -15.68 -22.11
C ASN A 3 20.32 -15.31 -21.96
N ALA A 4 19.56 -16.20 -21.34
CA ALA A 4 18.16 -15.95 -21.06
C ALA A 4 17.92 -16.07 -19.58
N GLN A 5 18.99 -16.36 -18.87
CA GLN A 5 18.97 -16.51 -17.43
C GLN A 5 19.03 -15.13 -16.79
N LEU A 6 18.11 -14.86 -15.92
CA LEU A 6 18.06 -13.61 -15.22
C LEU A 6 18.23 -13.85 -13.74
N ILE A 7 19.25 -13.27 -13.18
CA ILE A 7 19.44 -13.32 -11.76
C ILE A 7 18.63 -12.17 -11.19
N GLU A 8 17.47 -12.48 -10.69
CA GLU A 8 16.54 -11.47 -10.23
C GLU A 8 17.07 -10.77 -8.99
N ASP A 9 17.04 -9.45 -9.04
CA ASP A 9 17.41 -8.62 -7.90
C ASP A 9 16.37 -8.89 -6.83
N PRO A 10 16.78 -9.21 -5.62
CA PRO A 10 15.84 -9.58 -4.61
C PRO A 10 15.05 -8.40 -4.07
N LEU A 11 13.76 -8.49 -4.19
CA LEU A 11 12.89 -7.48 -3.67
C LEU A 11 12.28 -8.04 -2.43
N ASP A 12 12.93 -7.82 -1.34
CA ASP A 12 12.49 -8.36 -0.09
C ASP A 12 11.87 -7.27 0.72
N LYS A 13 10.96 -6.59 0.09
CA LYS A 13 10.24 -5.54 0.71
C LYS A 13 8.79 -5.81 0.69
N PRO A 14 8.28 -6.32 1.80
CA PRO A 14 6.87 -6.37 2.00
C PRO A 14 6.36 -4.93 2.03
N ILE A 15 5.39 -4.64 1.24
CA ILE A 15 4.83 -3.33 1.24
C ILE A 15 3.60 -3.35 2.09
N GLN A 16 3.50 -2.41 2.99
CA GLN A 16 2.39 -2.39 3.91
C GLN A 16 1.21 -1.63 3.33
N TYR A 17 0.01 -1.91 3.87
CA TYR A 17 -1.22 -1.36 3.34
C TYR A 17 -2.09 -0.85 4.46
N ARG A 18 -2.87 0.14 4.18
CA ARG A 18 -3.92 0.58 5.07
C ARG A 18 -5.00 1.18 4.22
N VAL A 19 -6.21 1.07 4.62
CA VAL A 19 -7.27 1.66 3.85
C VAL A 19 -7.36 3.15 4.14
N CYS A 20 -7.60 3.91 3.11
CA CYS A 20 -7.79 5.33 3.25
C CYS A 20 -9.09 5.55 3.98
N GLU A 21 -9.05 6.26 5.07
CA GLU A 21 -10.21 6.46 5.92
C GLU A 21 -11.43 7.08 5.20
N LYS A 22 -11.18 7.97 4.27
CA LYS A 22 -12.27 8.64 3.59
C LYS A 22 -12.67 7.96 2.28
N CYS A 23 -11.73 7.33 1.60
CA CYS A 23 -12.05 6.69 0.30
C CYS A 23 -12.39 5.21 0.48
N GLY A 24 -11.78 4.56 1.47
CA GLY A 24 -12.04 3.15 1.72
C GLY A 24 -11.16 2.19 0.92
N LYS A 25 -10.23 2.72 0.16
CA LYS A 25 -9.35 1.88 -0.66
C LYS A 25 -8.06 1.57 0.07
N PRO A 26 -7.55 0.32 -0.07
CA PRO A 26 -6.29 -0.09 0.56
C PRO A 26 -5.10 0.55 -0.14
N LEU A 27 -4.38 1.34 0.58
CA LEU A 27 -3.27 2.07 0.05
C LEU A 27 -1.99 1.43 0.54
N ALA A 28 -1.15 1.09 -0.37
CA ALA A 28 0.16 0.60 -0.05
C ALA A 28 1.08 1.79 0.15
N LEU A 29 2.10 1.61 0.95
CA LEU A 29 3.08 2.68 1.24
C LEU A 29 3.75 3.27 -0.02
N THR A 30 3.78 2.50 -1.08
CA THR A 30 4.33 2.98 -2.33
C THR A 30 3.33 3.94 -3.03
N ALA A 31 2.05 3.73 -2.78
CA ALA A 31 1.00 4.48 -3.46
C ALA A 31 0.33 5.51 -2.56
N ILE A 32 0.73 5.54 -1.29
CA ILE A 32 0.14 6.48 -0.32
C ILE A 32 0.31 7.92 -0.77
N VAL A 33 1.49 8.24 -1.27
CA VAL A 33 1.81 9.58 -1.68
C VAL A 33 0.98 10.07 -2.87
N ASP A 34 0.91 9.30 -3.94
CA ASP A 34 0.17 9.70 -5.13
C ASP A 34 -1.32 9.66 -4.88
N HIS A 35 -1.77 8.69 -4.11
CA HIS A 35 -3.16 8.64 -3.76
C HIS A 35 -3.53 9.85 -2.92
N LEU A 36 -2.78 10.11 -1.87
CA LEU A 36 -3.07 11.22 -0.96
C LEU A 36 -3.07 12.55 -1.73
N GLU A 37 -2.17 12.68 -2.67
CA GLU A 37 -2.12 13.87 -3.50
C GLU A 37 -3.31 13.99 -4.45
N ASN A 38 -3.78 12.90 -5.04
CA ASN A 38 -4.76 13.01 -6.09
C ASN A 38 -6.14 12.72 -5.61
N HIS A 39 -6.24 12.28 -4.38
CA HIS A 39 -7.52 11.88 -3.93
C HIS A 39 -8.43 13.08 -3.66
N CYS A 40 -9.71 12.88 -3.74
CA CYS A 40 -10.66 13.94 -3.51
C CYS A 40 -11.33 13.73 -2.16
N ALA A 41 -11.62 14.81 -1.47
CA ALA A 41 -12.31 14.74 -0.22
C ALA A 41 -13.79 14.58 -0.50
N GLY A 42 -14.33 13.45 -0.14
CA GLY A 42 -15.71 13.16 -0.43
C GLY A 42 -15.81 12.17 -1.57
N ALA A 43 -14.73 11.48 -1.82
CA ALA A 43 -14.66 10.48 -2.85
C ALA A 43 -15.42 9.25 -2.40
N SER A 44 -16.47 8.95 -3.09
CA SER A 44 -17.28 7.83 -2.77
C SER A 44 -17.80 7.21 -4.08
ZN ZN B . -8.17 8.72 -0.20
N ASN A 1 10.83 4.41 -18.86
CA ASN A 1 11.93 3.94 -19.70
C ASN A 1 11.76 2.47 -19.99
N PRO A 2 11.33 2.10 -21.21
CA PRO A 2 11.12 0.69 -21.58
C PRO A 2 12.45 0.02 -21.93
N ASN A 3 13.47 0.83 -22.05
CA ASN A 3 14.80 0.40 -22.38
C ASN A 3 15.62 0.21 -21.12
N ALA A 4 14.96 0.34 -19.98
CA ALA A 4 15.58 0.17 -18.69
C ALA A 4 14.57 -0.48 -17.77
N GLN A 5 14.86 -1.69 -17.34
CA GLN A 5 13.95 -2.48 -16.49
C GLN A 5 13.54 -1.74 -15.23
N LEU A 6 12.25 -1.54 -15.06
CA LEU A 6 11.71 -0.89 -13.88
C LEU A 6 11.91 -1.83 -12.71
N ILE A 7 12.50 -1.34 -11.67
CA ILE A 7 12.83 -2.19 -10.57
C ILE A 7 12.53 -1.53 -9.25
N GLU A 8 11.84 -2.24 -8.40
CA GLU A 8 11.62 -1.81 -7.05
C GLU A 8 12.91 -2.10 -6.29
N ASP A 9 13.55 -1.06 -5.88
CA ASP A 9 14.84 -1.18 -5.24
C ASP A 9 14.69 -1.28 -3.72
N PRO A 10 15.66 -1.94 -3.04
CA PRO A 10 15.63 -2.16 -1.58
C PRO A 10 15.52 -0.86 -0.79
N LEU A 11 14.51 -0.79 0.04
CA LEU A 11 14.29 0.37 0.86
C LEU A 11 14.06 -0.10 2.30
N ASP A 12 14.19 0.80 3.26
CA ASP A 12 14.06 0.45 4.68
C ASP A 12 12.62 0.48 5.12
N LYS A 13 11.78 1.05 4.30
CA LYS A 13 10.35 1.07 4.57
C LYS A 13 9.71 -0.17 4.08
N PRO A 14 8.93 -0.78 4.92
CA PRO A 14 8.15 -1.90 4.52
C PRO A 14 6.82 -1.39 3.97
N ILE A 15 6.48 -1.82 2.80
CA ILE A 15 5.28 -1.34 2.17
C ILE A 15 4.10 -2.16 2.64
N GLN A 16 3.36 -1.55 3.48
CA GLN A 16 2.18 -2.12 4.08
C GLN A 16 0.95 -1.58 3.38
N TYR A 17 -0.16 -2.23 3.61
CA TYR A 17 -1.41 -1.86 3.02
C TYR A 17 -2.33 -1.35 4.11
N ARG A 18 -2.77 -0.14 3.98
CA ARG A 18 -3.68 0.45 4.94
C ARG A 18 -4.85 1.04 4.21
N VAL A 19 -6.01 1.08 4.82
CA VAL A 19 -7.16 1.65 4.13
C VAL A 19 -7.23 3.16 4.33
N CYS A 20 -7.45 3.85 3.25
CA CYS A 20 -7.59 5.29 3.27
C CYS A 20 -8.84 5.69 4.04
N GLU A 21 -8.71 6.76 4.83
CA GLU A 21 -9.78 7.29 5.67
C GLU A 21 -11.04 7.58 4.85
N LYS A 22 -10.88 8.27 3.75
CA LYS A 22 -12.02 8.76 3.00
C LYS A 22 -12.51 7.74 1.98
N CYS A 23 -11.61 7.26 1.18
CA CYS A 23 -11.96 6.40 0.05
C CYS A 23 -12.24 4.95 0.49
N GLY A 24 -11.77 4.58 1.69
CA GLY A 24 -11.94 3.23 2.20
C GLY A 24 -11.17 2.20 1.39
N LYS A 25 -10.22 2.67 0.62
CA LYS A 25 -9.45 1.83 -0.23
C LYS A 25 -8.16 1.41 0.39
N PRO A 26 -7.76 0.17 0.16
CA PRO A 26 -6.48 -0.36 0.63
C PRO A 26 -5.33 0.23 -0.19
N LEU A 27 -4.47 0.91 0.47
CA LEU A 27 -3.37 1.58 -0.13
C LEU A 27 -2.06 1.01 0.32
N ALA A 28 -1.22 0.73 -0.64
CA ALA A 28 0.12 0.32 -0.36
C ALA A 28 0.92 1.60 -0.18
N LEU A 29 1.74 1.64 0.85
CA LEU A 29 2.53 2.83 1.20
C LEU A 29 3.32 3.45 0.02
N THR A 30 3.72 2.62 -0.93
CA THR A 30 4.51 3.09 -2.07
C THR A 30 3.67 4.02 -3.00
N ALA A 31 2.34 3.90 -2.95
CA ALA A 31 1.46 4.69 -3.80
C ALA A 31 0.53 5.57 -2.97
N ILE A 32 0.66 5.47 -1.65
CA ILE A 32 -0.24 6.17 -0.73
C ILE A 32 -0.02 7.70 -0.85
N VAL A 33 1.22 8.10 -1.11
CA VAL A 33 1.56 9.51 -1.21
C VAL A 33 0.83 10.19 -2.36
N ASP A 34 1.02 9.66 -3.57
CA ASP A 34 0.35 10.21 -4.75
C ASP A 34 -1.15 10.07 -4.63
N HIS A 35 -1.57 8.98 -3.97
CA HIS A 35 -2.98 8.80 -3.65
C HIS A 35 -3.46 10.00 -2.85
N LEU A 36 -2.79 10.30 -1.74
CA LEU A 36 -3.20 11.41 -0.89
C LEU A 36 -3.23 12.72 -1.66
N GLU A 37 -2.30 12.88 -2.56
CA GLU A 37 -2.22 14.07 -3.39
C GLU A 37 -3.38 14.14 -4.42
N ASN A 38 -3.85 13.00 -4.92
CA ASN A 38 -4.78 13.04 -6.04
C ASN A 38 -6.12 12.46 -5.65
N HIS A 39 -6.28 12.12 -4.42
CA HIS A 39 -7.50 11.49 -4.02
C HIS A 39 -8.66 12.47 -3.88
N CYS A 40 -9.85 11.94 -3.85
CA CYS A 40 -11.03 12.75 -3.76
C CYS A 40 -11.50 12.94 -2.31
N ALA A 41 -11.48 14.17 -1.86
CA ALA A 41 -12.01 14.50 -0.56
C ALA A 41 -13.52 14.53 -0.68
N GLY A 42 -14.19 14.07 0.33
CA GLY A 42 -15.63 14.00 0.27
C GLY A 42 -16.10 12.65 -0.22
N ALA A 43 -15.14 11.76 -0.45
CA ALA A 43 -15.40 10.42 -0.92
C ALA A 43 -16.29 9.68 0.05
N SER A 44 -17.48 9.44 -0.39
CA SER A 44 -18.44 8.72 0.36
C SER A 44 -18.47 7.30 -0.14
ZN ZN B . -8.13 8.46 -0.34
N ASN A 1 15.94 -33.23 8.78
CA ASN A 1 14.94 -34.09 8.12
C ASN A 1 13.72 -33.27 7.79
N PRO A 2 13.40 -33.09 6.51
CA PRO A 2 12.23 -32.32 6.10
C PRO A 2 10.91 -33.09 6.37
N ASN A 3 9.97 -32.42 6.98
CA ASN A 3 8.64 -32.97 7.25
C ASN A 3 7.79 -32.78 6.03
N ALA A 4 7.87 -31.59 5.49
CA ALA A 4 7.22 -31.23 4.26
C ALA A 4 8.30 -31.17 3.21
N GLN A 5 8.04 -30.56 2.08
CA GLN A 5 9.08 -30.44 1.09
C GLN A 5 10.03 -29.35 1.50
N LEU A 6 11.31 -29.58 1.32
CA LEU A 6 12.30 -28.60 1.67
C LEU A 6 12.22 -27.49 0.64
N ILE A 7 11.83 -26.33 1.09
CA ILE A 7 11.64 -25.22 0.21
C ILE A 7 12.27 -23.97 0.79
N GLU A 8 12.94 -23.25 -0.05
CA GLU A 8 13.56 -22.01 0.30
C GLU A 8 12.59 -20.89 0.00
N ASP A 9 12.22 -20.13 0.99
CA ASP A 9 11.33 -19.00 0.78
C ASP A 9 12.15 -17.75 0.49
N PRO A 10 11.96 -17.14 -0.69
CA PRO A 10 12.65 -15.91 -1.06
C PRO A 10 12.26 -14.78 -0.10
N LEU A 11 13.18 -13.90 0.19
CA LEU A 11 12.92 -12.81 1.08
C LEU A 11 12.20 -11.72 0.32
N ASP A 12 10.90 -11.81 0.34
CA ASP A 12 10.07 -10.86 -0.37
C ASP A 12 9.48 -9.89 0.61
N LYS A 13 9.68 -8.62 0.36
CA LYS A 13 9.18 -7.57 1.23
C LYS A 13 7.71 -7.44 1.15
N PRO A 14 7.06 -7.63 2.27
CA PRO A 14 5.67 -7.34 2.39
C PRO A 14 5.46 -5.84 2.24
N ILE A 15 4.61 -5.46 1.36
CA ILE A 15 4.28 -4.09 1.19
C ILE A 15 3.03 -3.86 2.00
N GLN A 16 3.05 -2.90 2.87
CA GLN A 16 1.93 -2.68 3.75
C GLN A 16 0.90 -1.77 3.16
N TYR A 17 -0.34 -2.00 3.53
CA TYR A 17 -1.47 -1.29 2.98
C TYR A 17 -2.15 -0.48 4.03
N ARG A 18 -2.52 0.71 3.67
CA ARG A 18 -3.26 1.59 4.51
C ARG A 18 -4.60 1.82 3.87
N VAL A 19 -5.66 1.72 4.62
CA VAL A 19 -6.94 2.08 4.09
C VAL A 19 -7.12 3.58 4.25
N CYS A 20 -7.29 4.24 3.16
CA CYS A 20 -7.58 5.65 3.18
C CYS A 20 -8.94 5.82 3.81
N GLU A 21 -8.98 6.52 4.91
CA GLU A 21 -10.17 6.67 5.74
C GLU A 21 -11.42 7.13 4.96
N LYS A 22 -11.30 8.18 4.17
CA LYS A 22 -12.47 8.66 3.44
C LYS A 22 -12.86 7.78 2.27
N CYS A 23 -11.90 7.16 1.62
CA CYS A 23 -12.20 6.35 0.45
C CYS A 23 -12.51 4.88 0.84
N GLY A 24 -11.90 4.42 1.93
CA GLY A 24 -12.04 3.03 2.38
C GLY A 24 -11.31 2.09 1.45
N LYS A 25 -10.28 2.61 0.82
CA LYS A 25 -9.51 1.88 -0.13
C LYS A 25 -8.16 1.54 0.45
N PRO A 26 -7.75 0.27 0.40
CA PRO A 26 -6.44 -0.14 0.88
C PRO A 26 -5.38 0.05 -0.20
N LEU A 27 -4.47 0.91 0.06
CA LEU A 27 -3.41 1.18 -0.88
C LEU A 27 -2.08 0.91 -0.24
N ALA A 28 -1.12 0.60 -1.06
CA ALA A 28 0.20 0.28 -0.61
C ALA A 28 0.95 1.55 -0.23
N LEU A 29 1.80 1.44 0.79
CA LEU A 29 2.60 2.58 1.28
C LEU A 29 3.55 3.15 0.23
N THR A 30 3.77 2.41 -0.82
CA THR A 30 4.61 2.86 -1.91
C THR A 30 3.91 3.95 -2.74
N ALA A 31 2.58 3.97 -2.70
CA ALA A 31 1.79 4.91 -3.48
C ALA A 31 0.90 5.77 -2.58
N ILE A 32 1.08 5.64 -1.27
CA ILE A 32 0.25 6.34 -0.27
C ILE A 32 0.20 7.86 -0.54
N VAL A 33 1.35 8.47 -0.77
CA VAL A 33 1.43 9.89 -1.00
C VAL A 33 0.75 10.28 -2.33
N ASP A 34 0.91 9.46 -3.35
CA ASP A 34 0.33 9.70 -4.69
C ASP A 34 -1.17 9.79 -4.59
N HIS A 35 -1.75 8.77 -4.00
CA HIS A 35 -3.16 8.74 -3.78
C HIS A 35 -3.60 9.91 -2.92
N LEU A 36 -2.89 10.15 -1.83
CA LEU A 36 -3.24 11.21 -0.90
C LEU A 36 -3.26 12.57 -1.64
N GLU A 37 -2.32 12.76 -2.53
CA GLU A 37 -2.23 13.99 -3.29
C GLU A 37 -3.28 14.06 -4.43
N ASN A 38 -3.72 12.93 -4.97
CA ASN A 38 -4.56 13.00 -6.17
C ASN A 38 -5.95 12.43 -5.94
N HIS A 39 -6.24 12.07 -4.73
CA HIS A 39 -7.49 11.41 -4.47
C HIS A 39 -8.72 12.32 -4.54
N CYS A 40 -9.88 11.72 -4.66
CA CYS A 40 -11.12 12.44 -4.71
C CYS A 40 -11.67 12.66 -3.31
N ALA A 41 -11.96 13.89 -3.00
CA ALA A 41 -12.56 14.26 -1.75
C ALA A 41 -14.06 14.20 -1.94
N GLY A 42 -14.80 13.93 -0.90
CA GLY A 42 -16.23 13.82 -1.04
C GLY A 42 -16.67 12.39 -1.17
N ALA A 43 -15.84 11.48 -0.73
CA ALA A 43 -16.12 10.06 -0.83
C ALA A 43 -17.00 9.62 0.34
N SER A 44 -18.22 9.26 0.05
CA SER A 44 -19.16 8.83 1.03
C SER A 44 -19.88 7.60 0.49
ZN ZN B . -8.40 8.60 -0.52
N ASN A 1 -7.79 -16.89 14.42
CA ASN A 1 -8.93 -17.69 13.99
C ASN A 1 -9.01 -17.67 12.48
N PRO A 2 -9.06 -18.84 11.84
CA PRO A 2 -9.13 -18.93 10.39
C PRO A 2 -10.54 -18.70 9.84
N ASN A 3 -10.64 -18.57 8.54
CA ASN A 3 -11.91 -18.38 7.88
C ASN A 3 -12.34 -19.69 7.23
N ALA A 4 -11.58 -20.07 6.24
CA ALA A 4 -11.75 -21.28 5.46
C ALA A 4 -10.44 -21.50 4.81
N GLN A 5 -9.95 -20.43 4.23
CA GLN A 5 -8.59 -20.36 3.77
C GLN A 5 -7.74 -20.09 4.99
N LEU A 6 -6.48 -20.40 4.92
CA LEU A 6 -5.57 -20.15 6.01
C LEU A 6 -5.25 -18.66 6.04
N ILE A 7 -5.01 -18.14 7.21
CA ILE A 7 -4.76 -16.72 7.35
C ILE A 7 -3.32 -16.41 7.04
N GLU A 8 -3.09 -15.89 5.87
CA GLU A 8 -1.78 -15.54 5.46
C GLU A 8 -1.52 -14.07 5.65
N ASP A 9 -0.66 -13.80 6.57
CA ASP A 9 -0.17 -12.48 6.80
C ASP A 9 1.30 -12.50 6.44
N PRO A 10 1.76 -11.52 5.63
CA PRO A 10 3.15 -11.48 5.14
C PRO A 10 4.19 -11.50 6.27
N LEU A 11 5.09 -12.46 6.20
CA LEU A 11 6.13 -12.62 7.19
C LEU A 11 7.47 -12.13 6.66
N ASP A 12 8.28 -11.59 7.58
CA ASP A 12 9.60 -10.96 7.28
C ASP A 12 9.45 -9.67 6.47
N LYS A 13 8.90 -9.81 5.30
CA LYS A 13 8.65 -8.71 4.42
C LYS A 13 7.29 -8.23 4.68
N PRO A 14 7.15 -6.99 5.03
CA PRO A 14 5.88 -6.45 5.26
C PRO A 14 5.27 -5.91 3.95
N ILE A 15 4.08 -6.36 3.67
CA ILE A 15 3.34 -5.83 2.56
C ILE A 15 2.45 -4.77 3.13
N GLN A 16 2.91 -3.60 2.96
CA GLN A 16 2.38 -2.43 3.61
C GLN A 16 1.18 -1.87 2.87
N TYR A 17 0.02 -2.01 3.48
CA TYR A 17 -1.24 -1.53 2.95
C TYR A 17 -2.01 -0.81 4.03
N ARG A 18 -2.73 0.19 3.64
CA ARG A 18 -3.51 1.00 4.55
C ARG A 18 -4.81 1.37 3.89
N VAL A 19 -5.92 1.30 4.60
CA VAL A 19 -7.18 1.75 4.05
C VAL A 19 -7.30 3.25 4.24
N CYS A 20 -7.48 3.95 3.14
CA CYS A 20 -7.61 5.40 3.15
C CYS A 20 -8.80 5.86 3.97
N GLU A 21 -8.62 6.94 4.73
CA GLU A 21 -9.66 7.49 5.59
C GLU A 21 -10.88 7.90 4.77
N LYS A 22 -10.64 8.66 3.71
CA LYS A 22 -11.72 9.19 2.92
C LYS A 22 -12.32 8.18 1.95
N CYS A 23 -11.53 7.26 1.47
CA CYS A 23 -12.00 6.38 0.41
C CYS A 23 -12.32 4.97 0.89
N GLY A 24 -11.55 4.45 1.82
CA GLY A 24 -11.78 3.10 2.29
C GLY A 24 -10.99 2.05 1.51
N LYS A 25 -10.34 2.48 0.42
CA LYS A 25 -9.49 1.58 -0.35
C LYS A 25 -8.19 1.31 0.37
N PRO A 26 -7.77 0.03 0.45
CA PRO A 26 -6.47 -0.32 0.95
C PRO A 26 -5.41 -0.12 -0.13
N LEU A 27 -4.55 0.81 0.10
CA LEU A 27 -3.51 1.12 -0.82
C LEU A 27 -2.19 0.84 -0.18
N ALA A 28 -1.21 0.57 -0.98
CA ALA A 28 0.10 0.32 -0.48
C ALA A 28 0.75 1.62 -0.06
N LEU A 29 1.56 1.57 0.99
CA LEU A 29 2.29 2.77 1.48
C LEU A 29 3.31 3.27 0.45
N THR A 30 3.53 2.49 -0.56
CA THR A 30 4.39 2.83 -1.64
C THR A 30 3.67 3.82 -2.59
N ALA A 31 2.36 3.95 -2.44
CA ALA A 31 1.55 4.80 -3.29
C ALA A 31 0.78 5.84 -2.47
N ILE A 32 1.05 5.90 -1.16
CA ILE A 32 0.29 6.75 -0.24
C ILE A 32 0.30 8.24 -0.64
N VAL A 33 1.48 8.80 -0.93
CA VAL A 33 1.57 10.24 -1.25
C VAL A 33 0.78 10.57 -2.52
N ASP A 34 0.94 9.73 -3.53
CA ASP A 34 0.28 9.88 -4.82
C ASP A 34 -1.21 9.88 -4.63
N HIS A 35 -1.70 8.83 -4.02
CA HIS A 35 -3.11 8.71 -3.76
C HIS A 35 -3.60 9.86 -2.89
N LEU A 36 -2.92 10.12 -1.80
CA LEU A 36 -3.39 11.09 -0.82
C LEU A 36 -3.50 12.50 -1.44
N GLU A 37 -2.66 12.78 -2.42
CA GLU A 37 -2.71 14.05 -3.11
C GLU A 37 -3.68 14.03 -4.31
N ASN A 38 -3.92 12.86 -4.89
CA ASN A 38 -4.71 12.78 -6.11
C ASN A 38 -6.12 12.37 -5.82
N HIS A 39 -6.35 11.96 -4.62
CA HIS A 39 -7.61 11.35 -4.30
C HIS A 39 -8.83 12.25 -4.43
N CYS A 40 -9.73 11.82 -5.27
CA CYS A 40 -10.93 12.56 -5.54
C CYS A 40 -12.12 11.89 -4.87
N ALA A 41 -13.03 12.70 -4.37
CA ALA A 41 -14.24 12.22 -3.80
C ALA A 41 -15.07 11.56 -4.90
N GLY A 42 -15.76 10.52 -4.55
CA GLY A 42 -16.53 9.77 -5.51
C GLY A 42 -15.91 8.42 -5.73
N ALA A 43 -14.60 8.38 -5.65
CA ALA A 43 -13.88 7.16 -5.76
C ALA A 43 -13.60 6.65 -4.36
N SER A 44 -14.37 5.69 -3.96
CA SER A 44 -14.27 5.12 -2.66
C SER A 44 -13.28 3.97 -2.72
ZN ZN B . -8.31 8.45 -0.50
N ASN A 1 21.62 -17.89 -15.98
CA ASN A 1 20.28 -17.79 -15.34
C ASN A 1 19.52 -16.53 -15.78
N PRO A 2 20.01 -15.28 -15.52
CA PRO A 2 19.25 -14.07 -15.81
C PRO A 2 19.56 -13.51 -17.20
N ASN A 3 19.53 -14.39 -18.19
CA ASN A 3 19.77 -14.09 -19.62
C ASN A 3 21.24 -13.85 -19.89
N ALA A 4 21.84 -12.87 -19.26
CA ALA A 4 23.24 -12.61 -19.47
C ALA A 4 23.90 -12.15 -18.18
N GLN A 5 23.59 -10.94 -17.77
CA GLN A 5 24.17 -10.40 -16.57
C GLN A 5 23.23 -10.55 -15.41
N LEU A 6 23.76 -10.51 -14.23
CA LEU A 6 23.00 -10.71 -13.02
C LEU A 6 22.11 -9.54 -12.69
N ILE A 7 20.83 -9.80 -12.61
CA ILE A 7 19.91 -8.85 -12.09
C ILE A 7 19.96 -9.02 -10.57
N GLU A 8 20.09 -7.95 -9.86
CA GLU A 8 20.22 -8.05 -8.44
C GLU A 8 18.87 -8.07 -7.76
N ASP A 9 18.57 -9.19 -7.15
CA ASP A 9 17.31 -9.42 -6.46
C ASP A 9 17.18 -8.45 -5.27
N PRO A 10 16.11 -7.63 -5.22
CA PRO A 10 15.89 -6.62 -4.17
C PRO A 10 15.69 -7.23 -2.78
N LEU A 11 15.81 -6.37 -1.78
CA LEU A 11 15.68 -6.74 -0.39
C LEU A 11 14.21 -7.06 -0.08
N ASP A 12 13.97 -7.96 0.88
CA ASP A 12 12.60 -8.32 1.29
C ASP A 12 11.99 -7.21 2.08
N LYS A 13 11.25 -6.40 1.43
CA LYS A 13 10.59 -5.30 2.06
C LYS A 13 9.14 -5.51 2.03
N PRO A 14 8.53 -5.48 3.17
CA PRO A 14 7.13 -5.56 3.24
C PRO A 14 6.52 -4.16 3.14
N ILE A 15 5.62 -4.03 2.24
CA ILE A 15 4.91 -2.81 2.05
C ILE A 15 3.53 -3.06 2.56
N GLN A 16 3.09 -2.23 3.43
CA GLN A 16 1.82 -2.45 4.06
C GLN A 16 0.72 -1.77 3.30
N TYR A 17 -0.46 -2.28 3.47
CA TYR A 17 -1.62 -1.80 2.79
C TYR A 17 -2.49 -1.09 3.78
N ARG A 18 -2.64 0.17 3.56
CA ARG A 18 -3.37 1.04 4.44
C ARG A 18 -4.67 1.41 3.79
N VAL A 19 -5.78 1.29 4.50
CA VAL A 19 -7.03 1.76 3.96
C VAL A 19 -7.12 3.27 4.14
N CYS A 20 -7.31 3.95 3.03
CA CYS A 20 -7.43 5.39 3.01
C CYS A 20 -8.58 5.83 3.88
N GLU A 21 -8.32 6.83 4.69
CA GLU A 21 -9.24 7.39 5.64
C GLU A 21 -10.62 7.71 5.00
N LYS A 22 -10.65 8.51 3.94
CA LYS A 22 -11.95 8.86 3.35
C LYS A 22 -12.44 7.84 2.32
N CYS A 23 -11.55 7.28 1.52
CA CYS A 23 -11.98 6.39 0.42
C CYS A 23 -12.31 4.98 0.90
N GLY A 24 -11.68 4.53 1.98
CA GLY A 24 -11.87 3.16 2.45
C GLY A 24 -11.22 2.17 1.50
N LYS A 25 -10.21 2.63 0.80
CA LYS A 25 -9.46 1.84 -0.16
C LYS A 25 -8.13 1.40 0.42
N PRO A 26 -7.80 0.11 0.37
CA PRO A 26 -6.51 -0.37 0.82
C PRO A 26 -5.46 -0.20 -0.27
N LEU A 27 -4.50 0.63 -0.01
CA LEU A 27 -3.43 0.89 -0.94
C LEU A 27 -2.11 0.64 -0.28
N ALA A 28 -1.10 0.40 -1.08
CA ALA A 28 0.23 0.18 -0.59
C ALA A 28 0.84 1.50 -0.14
N LEU A 29 1.58 1.46 0.97
CA LEU A 29 2.23 2.66 1.52
C LEU A 29 3.17 3.35 0.52
N THR A 30 3.66 2.63 -0.45
CA THR A 30 4.54 3.20 -1.44
C THR A 30 3.77 4.06 -2.47
N ALA A 31 2.46 3.99 -2.43
CA ALA A 31 1.62 4.73 -3.35
C ALA A 31 0.74 5.74 -2.60
N ILE A 32 0.96 5.87 -1.29
CA ILE A 32 0.08 6.68 -0.48
C ILE A 32 0.14 8.17 -0.78
N VAL A 33 1.33 8.74 -0.93
CA VAL A 33 1.41 10.20 -1.15
C VAL A 33 0.75 10.59 -2.47
N ASP A 34 0.97 9.79 -3.51
CA ASP A 34 0.34 10.03 -4.81
C ASP A 34 -1.15 9.95 -4.70
N HIS A 35 -1.64 8.86 -4.11
CA HIS A 35 -3.06 8.69 -3.91
C HIS A 35 -3.62 9.82 -3.05
N LEU A 36 -3.07 9.99 -1.88
CA LEU A 36 -3.61 10.93 -0.89
C LEU A 36 -3.55 12.38 -1.39
N GLU A 37 -2.68 12.64 -2.35
CA GLU A 37 -2.62 13.94 -2.97
C GLU A 37 -3.61 14.06 -4.15
N ASN A 38 -3.86 12.98 -4.88
CA ASN A 38 -4.60 13.09 -6.14
C ASN A 38 -6.01 12.61 -6.00
N HIS A 39 -6.30 12.03 -4.86
CA HIS A 39 -7.56 11.39 -4.66
C HIS A 39 -8.76 12.33 -4.75
N CYS A 40 -9.76 11.93 -5.48
CA CYS A 40 -10.94 12.71 -5.68
C CYS A 40 -11.89 12.58 -4.50
N ALA A 41 -12.03 13.66 -3.75
CA ALA A 41 -12.96 13.73 -2.65
C ALA A 41 -14.37 13.63 -3.21
N GLY A 42 -15.16 12.78 -2.62
CA GLY A 42 -16.48 12.53 -3.12
C GLY A 42 -16.56 11.15 -3.69
N ALA A 43 -15.44 10.67 -4.20
CA ALA A 43 -15.37 9.35 -4.75
C ALA A 43 -14.84 8.42 -3.68
N SER A 44 -15.76 7.72 -3.05
CA SER A 44 -15.44 6.79 -2.02
C SER A 44 -16.49 5.68 -2.04
ZN ZN B . -8.25 8.41 -0.70
N ASN A 1 23.24 -36.92 -1.93
CA ASN A 1 23.79 -36.07 -3.01
C ASN A 1 24.74 -35.06 -2.42
N PRO A 2 25.84 -34.71 -3.14
CA PRO A 2 26.74 -33.64 -2.72
C PRO A 2 26.08 -32.30 -3.04
N ASN A 3 25.71 -31.59 -2.02
CA ASN A 3 24.97 -30.35 -2.19
C ASN A 3 25.79 -29.16 -1.80
N ALA A 4 25.44 -28.04 -2.36
CA ALA A 4 26.04 -26.77 -2.03
C ALA A 4 24.97 -25.97 -1.33
N GLN A 5 25.23 -24.73 -0.96
CA GLN A 5 24.20 -23.93 -0.35
C GLN A 5 23.25 -23.45 -1.42
N LEU A 6 22.08 -24.01 -1.42
CA LEU A 6 21.05 -23.60 -2.33
C LEU A 6 20.19 -22.62 -1.56
N ILE A 7 20.17 -21.38 -1.98
CA ILE A 7 19.44 -20.38 -1.24
C ILE A 7 18.05 -20.21 -1.79
N GLU A 8 17.10 -20.33 -0.92
CA GLU A 8 15.70 -20.17 -1.22
C GLU A 8 15.40 -18.69 -1.26
N ASP A 9 15.01 -18.19 -2.42
CA ASP A 9 14.62 -16.79 -2.52
C ASP A 9 13.30 -16.61 -1.81
N PRO A 10 13.12 -15.47 -1.08
CA PRO A 10 11.92 -15.23 -0.27
C PRO A 10 10.62 -15.47 -1.03
N LEU A 11 9.80 -16.34 -0.50
CA LEU A 11 8.55 -16.64 -1.13
C LEU A 11 7.43 -16.19 -0.24
N ASP A 12 7.07 -14.94 -0.43
CA ASP A 12 5.99 -14.25 0.27
C ASP A 12 6.21 -12.79 0.05
N LYS A 13 5.17 -12.08 -0.28
CA LYS A 13 5.28 -10.66 -0.47
C LYS A 13 4.52 -9.94 0.56
N PRO A 14 5.22 -9.35 1.50
CA PRO A 14 4.63 -8.41 2.39
C PRO A 14 4.09 -7.27 1.55
N ILE A 15 2.86 -6.96 1.72
CA ILE A 15 2.25 -5.90 1.00
C ILE A 15 1.54 -5.02 1.98
N GLN A 16 2.16 -3.93 2.24
CA GLN A 16 1.75 -3.05 3.26
C GLN A 16 0.74 -2.12 2.69
N TYR A 17 -0.48 -2.30 3.10
CA TYR A 17 -1.59 -1.54 2.62
C TYR A 17 -2.31 -0.98 3.80
N ARG A 18 -2.84 0.19 3.63
CA ARG A 18 -3.65 0.82 4.64
C ARG A 18 -4.87 1.35 3.98
N VAL A 19 -6.02 1.18 4.59
CA VAL A 19 -7.21 1.74 4.02
C VAL A 19 -7.32 3.20 4.36
N CYS A 20 -7.56 3.98 3.37
CA CYS A 20 -7.75 5.40 3.54
C CYS A 20 -9.07 5.62 4.25
N GLU A 21 -9.06 6.50 5.23
CA GLU A 21 -10.26 6.78 6.02
C GLU A 21 -11.44 7.25 5.16
N LYS A 22 -11.17 8.15 4.23
CA LYS A 22 -12.22 8.74 3.42
C LYS A 22 -12.64 7.81 2.30
N CYS A 23 -11.68 7.26 1.59
CA CYS A 23 -11.99 6.43 0.44
C CYS A 23 -12.40 5.00 0.85
N GLY A 24 -11.76 4.47 1.89
CA GLY A 24 -12.02 3.09 2.29
C GLY A 24 -11.24 2.10 1.44
N LYS A 25 -10.41 2.64 0.57
CA LYS A 25 -9.65 1.85 -0.34
C LYS A 25 -8.22 1.72 0.20
N PRO A 26 -7.69 0.49 0.25
CA PRO A 26 -6.33 0.22 0.72
C PRO A 26 -5.26 0.69 -0.27
N LEU A 27 -4.39 1.53 0.19
CA LEU A 27 -3.30 2.02 -0.60
C LEU A 27 -2.01 1.44 -0.05
N ALA A 28 -1.06 1.24 -0.91
CA ALA A 28 0.22 0.73 -0.51
C ALA A 28 1.02 1.85 0.11
N LEU A 29 1.90 1.52 1.03
CA LEU A 29 2.77 2.53 1.67
C LEU A 29 3.62 3.28 0.65
N THR A 30 3.94 2.63 -0.44
CA THR A 30 4.74 3.23 -1.49
C THR A 30 3.84 4.13 -2.40
N ALA A 31 2.54 4.08 -2.18
CA ALA A 31 1.58 4.82 -2.97
C ALA A 31 0.96 5.96 -2.16
N ILE A 32 1.48 6.16 -0.95
CA ILE A 32 0.96 7.17 0.00
C ILE A 32 0.85 8.58 -0.64
N VAL A 33 1.92 9.06 -1.27
CA VAL A 33 1.94 10.41 -1.82
C VAL A 33 0.99 10.50 -3.01
N ASP A 34 1.10 9.53 -3.90
CA ASP A 34 0.26 9.46 -5.10
C ASP A 34 -1.21 9.48 -4.72
N HIS A 35 -1.56 8.63 -3.77
CA HIS A 35 -2.92 8.54 -3.32
C HIS A 35 -3.38 9.85 -2.72
N LEU A 36 -2.68 10.38 -1.71
CA LEU A 36 -3.16 11.59 -1.05
C LEU A 36 -3.26 12.80 -2.00
N GLU A 37 -2.45 12.79 -3.03
CA GLU A 37 -2.49 13.83 -4.05
C GLU A 37 -3.72 13.65 -4.97
N ASN A 38 -4.00 12.42 -5.36
CA ASN A 38 -4.97 12.17 -6.39
C ASN A 38 -6.30 11.80 -5.80
N HIS A 39 -6.33 11.64 -4.51
CA HIS A 39 -7.51 11.12 -3.94
C HIS A 39 -8.63 12.14 -3.87
N CYS A 40 -9.85 11.64 -3.75
CA CYS A 40 -11.05 12.45 -3.69
C CYS A 40 -10.97 13.50 -2.58
N ALA A 41 -10.86 14.74 -2.99
CA ALA A 41 -10.77 15.90 -2.13
C ALA A 41 -12.04 16.07 -1.30
N GLY A 42 -11.91 16.77 -0.20
CA GLY A 42 -13.04 17.01 0.65
C GLY A 42 -13.03 16.07 1.83
N ALA A 43 -11.89 15.42 2.01
CA ALA A 43 -11.69 14.46 3.07
C ALA A 43 -11.60 15.16 4.41
N SER A 44 -12.57 14.94 5.24
CA SER A 44 -12.59 15.50 6.56
C SER A 44 -13.26 14.49 7.50
ZN ZN B . -8.18 8.55 -0.01
N ASN A 1 29.39 -31.11 9.30
CA ASN A 1 28.95 -29.83 8.72
C ASN A 1 30.06 -28.82 8.90
N PRO A 2 30.37 -28.01 7.88
CA PRO A 2 31.42 -26.99 7.96
C PRO A 2 31.13 -25.92 9.04
N ASN A 3 29.90 -25.46 9.07
CA ASN A 3 29.49 -24.43 10.00
C ASN A 3 28.83 -25.07 11.21
N ALA A 4 28.69 -24.32 12.26
CA ALA A 4 27.97 -24.77 13.42
C ALA A 4 26.89 -23.75 13.81
N GLN A 5 26.75 -22.75 12.95
CA GLN A 5 25.78 -21.70 13.12
C GLN A 5 24.41 -22.24 12.72
N LEU A 6 23.39 -21.86 13.45
CA LEU A 6 22.05 -22.30 13.14
C LEU A 6 21.54 -21.51 11.96
N ILE A 7 21.10 -22.21 10.93
CA ILE A 7 20.60 -21.55 9.74
C ILE A 7 19.30 -20.79 10.06
N GLU A 8 19.25 -19.57 9.63
CA GLU A 8 18.12 -18.70 9.89
C GLU A 8 17.03 -18.91 8.85
N ASP A 9 15.86 -18.38 9.12
CA ASP A 9 14.73 -18.46 8.20
C ASP A 9 14.85 -17.33 7.20
N PRO A 10 14.43 -17.53 5.95
CA PRO A 10 14.50 -16.50 4.92
C PRO A 10 13.67 -15.28 5.32
N LEU A 11 14.30 -14.14 5.35
CA LEU A 11 13.62 -12.92 5.68
C LEU A 11 12.88 -12.46 4.46
N ASP A 12 11.59 -12.41 4.55
CA ASP A 12 10.79 -12.09 3.40
C ASP A 12 10.41 -10.60 3.41
N LYS A 13 9.45 -10.26 2.61
CA LYS A 13 9.03 -8.90 2.37
C LYS A 13 7.86 -8.53 3.19
N PRO A 14 7.94 -7.40 3.82
CA PRO A 14 6.82 -6.84 4.46
C PRO A 14 6.06 -5.95 3.44
N ILE A 15 4.79 -6.18 3.30
CA ILE A 15 4.00 -5.44 2.37
C ILE A 15 2.96 -4.65 3.11
N GLN A 16 3.14 -3.38 3.01
CA GLN A 16 2.39 -2.41 3.76
C GLN A 16 1.12 -1.94 3.06
N TYR A 17 -0.01 -2.30 3.62
CA TYR A 17 -1.30 -1.89 3.12
C TYR A 17 -2.03 -1.11 4.18
N ARG A 18 -2.75 -0.12 3.76
CA ARG A 18 -3.51 0.70 4.63
C ARG A 18 -4.69 1.20 3.84
N VAL A 19 -5.87 1.07 4.37
CA VAL A 19 -7.05 1.63 3.74
C VAL A 19 -7.05 3.13 3.92
N CYS A 20 -7.48 3.83 2.91
CA CYS A 20 -7.55 5.27 2.96
C CYS A 20 -8.60 5.70 3.95
N GLU A 21 -8.27 6.71 4.75
CA GLU A 21 -9.13 7.23 5.79
C GLU A 21 -10.48 7.69 5.24
N LYS A 22 -10.48 8.31 4.06
CA LYS A 22 -11.75 8.76 3.50
C LYS A 22 -12.28 7.89 2.35
N CYS A 23 -11.41 7.38 1.49
CA CYS A 23 -11.89 6.57 0.34
C CYS A 23 -12.22 5.13 0.74
N GLY A 24 -11.64 4.66 1.84
CA GLY A 24 -11.90 3.29 2.30
C GLY A 24 -11.06 2.23 1.61
N LYS A 25 -10.66 2.50 0.37
CA LYS A 25 -9.85 1.58 -0.42
C LYS A 25 -8.48 1.30 0.17
N PRO A 26 -8.03 0.04 0.15
CA PRO A 26 -6.69 -0.33 0.61
C PRO A 26 -5.63 0.02 -0.43
N LEU A 27 -4.63 0.70 0.00
CA LEU A 27 -3.52 1.05 -0.83
C LEU A 27 -2.24 0.72 -0.13
N ALA A 28 -1.17 0.67 -0.87
CA ALA A 28 0.12 0.41 -0.32
C ALA A 28 0.71 1.71 0.18
N LEU A 29 1.50 1.64 1.24
CA LEU A 29 2.15 2.85 1.79
C LEU A 29 3.15 3.45 0.79
N THR A 30 3.55 2.68 -0.18
CA THR A 30 4.45 3.12 -1.20
C THR A 30 3.73 3.92 -2.31
N ALA A 31 2.41 4.05 -2.19
CA ALA A 31 1.62 4.79 -3.17
C ALA A 31 0.73 5.82 -2.48
N ILE A 32 0.91 5.98 -1.17
CA ILE A 32 0.02 6.83 -0.39
C ILE A 32 0.16 8.31 -0.74
N VAL A 33 1.38 8.76 -1.03
CA VAL A 33 1.61 10.17 -1.38
C VAL A 33 0.82 10.54 -2.64
N ASP A 34 1.02 9.75 -3.70
CA ASP A 34 0.30 9.93 -4.95
C ASP A 34 -1.20 9.90 -4.70
N HIS A 35 -1.63 8.88 -3.98
CA HIS A 35 -3.02 8.73 -3.67
C HIS A 35 -3.58 9.94 -2.91
N LEU A 36 -2.94 10.37 -1.83
CA LEU A 36 -3.48 11.47 -1.04
C LEU A 36 -3.48 12.79 -1.81
N GLU A 37 -2.61 12.91 -2.79
CA GLU A 37 -2.61 14.08 -3.62
C GLU A 37 -3.65 13.95 -4.77
N ASN A 38 -3.96 12.72 -5.16
CA ASN A 38 -4.80 12.46 -6.31
C ASN A 38 -6.21 12.35 -5.90
N HIS A 39 -6.41 12.04 -4.66
CA HIS A 39 -7.72 11.76 -4.25
C HIS A 39 -8.59 13.01 -4.10
N CYS A 40 -9.87 12.82 -4.04
CA CYS A 40 -10.83 13.90 -3.91
C CYS A 40 -10.53 14.79 -2.68
N ALA A 41 -10.26 16.06 -2.94
CA ALA A 41 -9.97 17.02 -1.91
C ALA A 41 -11.14 17.92 -1.70
N GLY A 42 -11.74 17.82 -0.56
CA GLY A 42 -12.86 18.66 -0.21
C GLY A 42 -14.15 17.92 -0.32
N ALA A 43 -14.23 17.01 -1.25
CA ALA A 43 -15.39 16.20 -1.47
C ALA A 43 -15.05 14.74 -1.25
N SER A 44 -16.05 13.93 -1.09
CA SER A 44 -15.87 12.54 -0.89
C SER A 44 -17.10 11.84 -1.47
ZN ZN B . -8.18 8.54 -0.51
N ASN A 1 -19.16 -16.97 19.04
CA ASN A 1 -17.93 -16.82 18.28
C ASN A 1 -18.25 -16.19 16.92
N PRO A 2 -17.31 -15.43 16.32
CA PRO A 2 -17.51 -14.87 14.97
C PRO A 2 -17.47 -15.99 13.94
N ASN A 3 -16.54 -16.88 14.16
CA ASN A 3 -16.32 -18.06 13.38
C ASN A 3 -15.91 -19.08 14.39
N ALA A 4 -16.10 -20.34 14.12
CA ALA A 4 -15.67 -21.37 15.05
C ALA A 4 -14.15 -21.39 15.06
N GLN A 5 -13.58 -21.22 13.89
CA GLN A 5 -12.17 -21.08 13.73
C GLN A 5 -11.92 -19.96 12.75
N LEU A 6 -11.43 -18.84 13.25
CA LEU A 6 -11.16 -17.70 12.39
C LEU A 6 -9.92 -17.97 11.59
N ILE A 7 -10.07 -18.05 10.28
CA ILE A 7 -8.96 -18.36 9.43
C ILE A 7 -8.78 -17.27 8.38
N GLU A 8 -7.82 -16.44 8.61
CA GLU A 8 -7.38 -15.51 7.62
C GLU A 8 -6.17 -16.14 6.99
N ASP A 9 -6.15 -16.26 5.70
CA ASP A 9 -5.05 -16.94 5.06
C ASP A 9 -3.85 -16.02 4.96
N PRO A 10 -2.74 -16.39 5.61
CA PRO A 10 -1.54 -15.58 5.61
C PRO A 10 -0.88 -15.57 4.25
N LEU A 11 -0.54 -14.41 3.78
CA LEU A 11 0.11 -14.29 2.52
C LEU A 11 1.61 -14.32 2.74
N ASP A 12 2.29 -15.24 2.08
CA ASP A 12 3.76 -15.34 2.17
C ASP A 12 4.40 -14.07 1.67
N LYS A 13 3.87 -13.54 0.57
CA LYS A 13 4.32 -12.28 0.04
C LYS A 13 4.01 -11.21 1.03
N PRO A 14 4.96 -10.40 1.33
CA PRO A 14 4.73 -9.33 2.21
C PRO A 14 4.13 -8.14 1.45
N ILE A 15 3.02 -7.68 1.93
CA ILE A 15 2.38 -6.53 1.39
C ILE A 15 2.16 -5.53 2.48
N GLN A 16 2.28 -4.29 2.13
CA GLN A 16 2.19 -3.22 3.07
C GLN A 16 1.09 -2.32 2.59
N TYR A 17 0.00 -2.34 3.27
CA TYR A 17 -1.21 -1.68 2.85
C TYR A 17 -1.85 -0.95 3.97
N ARG A 18 -2.29 0.24 3.70
CA ARG A 18 -2.98 1.05 4.66
C ARG A 18 -4.22 1.60 4.02
N VAL A 19 -5.27 1.78 4.78
CA VAL A 19 -6.50 2.28 4.21
C VAL A 19 -6.58 3.80 4.29
N CYS A 20 -7.17 4.37 3.29
CA CYS A 20 -7.49 5.78 3.28
C CYS A 20 -8.83 5.94 3.98
N GLU A 21 -9.00 7.00 4.76
CA GLU A 21 -10.23 7.21 5.51
C GLU A 21 -11.46 7.32 4.61
N LYS A 22 -11.51 8.38 3.82
CA LYS A 22 -12.69 8.64 3.00
C LYS A 22 -12.92 7.63 1.90
N CYS A 23 -11.88 7.16 1.29
CA CYS A 23 -12.03 6.27 0.17
C CYS A 23 -12.15 4.81 0.65
N GLY A 24 -11.66 4.52 1.86
CA GLY A 24 -11.68 3.16 2.42
C GLY A 24 -10.84 2.20 1.63
N LYS A 25 -9.96 2.73 0.82
CA LYS A 25 -9.10 1.95 -0.04
C LYS A 25 -7.85 1.55 0.68
N PRO A 26 -7.55 0.25 0.77
CA PRO A 26 -6.29 -0.21 1.27
C PRO A 26 -5.30 -0.26 0.14
N LEU A 27 -4.30 0.56 0.21
CA LEU A 27 -3.31 0.59 -0.82
C LEU A 27 -1.95 0.59 -0.19
N ALA A 28 -0.95 0.29 -0.99
CA ALA A 28 0.41 0.21 -0.53
C ALA A 28 0.85 1.51 0.08
N LEU A 29 1.62 1.41 1.14
CA LEU A 29 2.12 2.59 1.85
C LEU A 29 3.02 3.50 0.99
N THR A 30 3.48 2.99 -0.12
CA THR A 30 4.26 3.77 -1.03
C THR A 30 3.35 4.56 -1.98
N ALA A 31 2.20 3.98 -2.28
CA ALA A 31 1.26 4.54 -3.24
C ALA A 31 0.37 5.60 -2.60
N ILE A 32 0.36 5.63 -1.27
CA ILE A 32 -0.48 6.56 -0.53
C ILE A 32 -0.12 8.02 -0.83
N VAL A 33 1.14 8.29 -1.17
CA VAL A 33 1.57 9.66 -1.46
C VAL A 33 0.82 10.22 -2.68
N ASP A 34 0.87 9.50 -3.79
CA ASP A 34 0.19 9.90 -5.02
C ASP A 34 -1.29 9.89 -4.82
N HIS A 35 -1.77 8.87 -4.13
CA HIS A 35 -3.18 8.78 -3.85
C HIS A 35 -3.65 9.99 -3.05
N LEU A 36 -3.05 10.20 -1.90
CA LEU A 36 -3.50 11.24 -0.99
C LEU A 36 -3.37 12.61 -1.65
N GLU A 37 -2.40 12.71 -2.53
CA GLU A 37 -2.19 13.91 -3.29
C GLU A 37 -3.26 14.10 -4.40
N ASN A 38 -3.70 13.04 -5.03
CA ASN A 38 -4.55 13.19 -6.20
C ASN A 38 -5.95 12.74 -5.91
N HIS A 39 -6.21 12.40 -4.68
CA HIS A 39 -7.52 11.97 -4.36
C HIS A 39 -8.44 13.19 -4.23
N CYS A 40 -9.72 12.98 -4.24
CA CYS A 40 -10.66 14.06 -4.14
C CYS A 40 -10.67 14.68 -2.73
N ALA A 41 -10.24 15.93 -2.65
CA ALA A 41 -10.21 16.66 -1.42
C ALA A 41 -11.33 17.69 -1.40
N GLY A 42 -12.14 17.67 -0.38
CA GLY A 42 -13.24 18.61 -0.24
C GLY A 42 -14.52 18.01 -0.78
N ALA A 43 -14.37 17.23 -1.80
CA ALA A 43 -15.43 16.48 -2.41
C ALA A 43 -15.06 15.03 -2.27
N SER A 44 -16.01 14.16 -2.19
CA SER A 44 -15.73 12.75 -2.05
C SER A 44 -16.88 11.95 -2.65
ZN ZN B . -8.34 8.73 -0.49
N ASN A 1 -0.25 -3.76 19.99
CA ASN A 1 0.19 -3.42 21.34
C ASN A 1 1.25 -2.35 21.26
N PRO A 2 1.12 -1.26 22.05
CA PRO A 2 2.08 -0.16 22.04
C PRO A 2 3.47 -0.56 22.56
N ASN A 3 4.38 -0.72 21.65
CA ASN A 3 5.75 -1.05 21.97
C ASN A 3 6.63 0.08 21.53
N ALA A 4 7.48 0.54 22.41
CA ALA A 4 8.41 1.60 22.08
C ALA A 4 9.61 0.98 21.43
N GLN A 5 10.15 -0.03 22.08
CA GLN A 5 11.24 -0.79 21.54
C GLN A 5 10.67 -2.03 20.94
N LEU A 6 10.64 -2.08 19.64
CA LEU A 6 10.09 -3.20 18.95
C LEU A 6 10.97 -3.54 17.79
N ILE A 7 11.42 -4.76 17.74
CA ILE A 7 12.21 -5.19 16.61
C ILE A 7 11.31 -5.44 15.42
N GLU A 8 11.68 -4.93 14.28
CA GLU A 8 10.91 -5.13 13.09
C GLU A 8 11.23 -6.51 12.56
N ASP A 9 10.22 -7.22 12.11
CA ASP A 9 10.40 -8.54 11.55
C ASP A 9 10.98 -8.44 10.16
N PRO A 10 12.17 -9.00 9.95
CA PRO A 10 12.81 -8.96 8.64
C PRO A 10 12.06 -9.86 7.66
N LEU A 11 11.69 -9.31 6.54
CA LEU A 11 10.93 -10.04 5.56
C LEU A 11 11.54 -9.89 4.19
N ASP A 12 11.23 -10.81 3.32
CA ASP A 12 11.78 -10.85 1.97
C ASP A 12 11.26 -9.70 1.14
N LYS A 13 9.97 -9.55 1.11
CA LYS A 13 9.38 -8.47 0.38
C LYS A 13 8.28 -7.91 1.19
N PRO A 14 8.30 -6.61 1.39
CA PRO A 14 7.29 -6.01 2.15
C PRO A 14 6.08 -5.64 1.29
N ILE A 15 4.96 -6.10 1.71
CA ILE A 15 3.70 -5.76 1.13
C ILE A 15 2.95 -5.05 2.19
N GLN A 16 2.73 -3.83 1.93
CA GLN A 16 2.21 -2.95 2.89
C GLN A 16 1.07 -2.09 2.36
N TYR A 17 -0.11 -2.37 2.83
CA TYR A 17 -1.33 -1.68 2.46
C TYR A 17 -2.15 -1.39 3.69
N ARG A 18 -2.83 -0.28 3.67
CA ARG A 18 -3.73 0.11 4.76
C ARG A 18 -4.90 0.84 4.14
N VAL A 19 -6.01 0.93 4.82
CA VAL A 19 -7.17 1.60 4.26
C VAL A 19 -7.06 3.12 4.37
N CYS A 20 -7.58 3.77 3.38
CA CYS A 20 -7.63 5.22 3.35
C CYS A 20 -8.83 5.72 4.13
N GLU A 21 -8.66 6.85 4.79
CA GLU A 21 -9.69 7.53 5.56
C GLU A 21 -10.96 7.76 4.72
N LYS A 22 -10.86 8.58 3.68
CA LYS A 22 -12.02 8.92 2.87
C LYS A 22 -12.51 7.79 2.02
N CYS A 23 -11.62 7.20 1.28
CA CYS A 23 -12.00 6.22 0.29
C CYS A 23 -12.36 4.86 0.89
N GLY A 24 -11.75 4.52 2.04
CA GLY A 24 -11.94 3.20 2.64
C GLY A 24 -11.24 2.12 1.82
N LYS A 25 -10.42 2.57 0.91
CA LYS A 25 -9.74 1.73 -0.05
C LYS A 25 -8.31 1.51 0.45
N PRO A 26 -7.86 0.26 0.51
CA PRO A 26 -6.49 -0.08 0.90
C PRO A 26 -5.46 0.38 -0.12
N LEU A 27 -4.62 1.29 0.29
CA LEU A 27 -3.57 1.79 -0.55
C LEU A 27 -2.26 1.31 0.02
N ALA A 28 -1.28 1.22 -0.82
CA ALA A 28 0.02 0.84 -0.38
C ALA A 28 0.70 2.01 0.28
N LEU A 29 1.54 1.75 1.24
CA LEU A 29 2.27 2.84 1.90
C LEU A 29 3.30 3.44 0.95
N THR A 30 3.64 2.68 -0.06
CA THR A 30 4.51 3.11 -1.11
C THR A 30 3.75 3.93 -2.18
N ALA A 31 2.44 4.07 -1.99
CA ALA A 31 1.58 4.81 -2.91
C ALA A 31 0.90 5.98 -2.19
N ILE A 32 1.30 6.20 -0.93
CA ILE A 32 0.67 7.21 -0.07
C ILE A 32 0.70 8.62 -0.70
N VAL A 33 1.84 8.99 -1.28
CA VAL A 33 2.03 10.33 -1.81
C VAL A 33 1.04 10.61 -2.95
N ASP A 34 1.13 9.82 -4.00
CA ASP A 34 0.29 9.97 -5.19
C ASP A 34 -1.18 9.83 -4.84
N HIS A 35 -1.52 8.79 -4.07
CA HIS A 35 -2.91 8.58 -3.71
C HIS A 35 -3.46 9.77 -2.95
N LEU A 36 -2.80 10.17 -1.90
CA LEU A 36 -3.33 11.23 -1.05
C LEU A 36 -3.37 12.56 -1.82
N GLU A 37 -2.47 12.73 -2.77
CA GLU A 37 -2.44 13.93 -3.59
C GLU A 37 -3.56 13.90 -4.67
N ASN A 38 -3.96 12.72 -5.12
CA ASN A 38 -4.87 12.65 -6.24
C ASN A 38 -6.27 12.40 -5.78
N HIS A 39 -6.37 11.70 -4.68
CA HIS A 39 -7.59 11.09 -4.25
C HIS A 39 -8.84 11.96 -4.30
N CYS A 40 -9.79 11.47 -5.03
CA CYS A 40 -11.03 12.15 -5.26
C CYS A 40 -11.82 12.29 -3.99
N ALA A 41 -12.13 13.51 -3.65
CA ALA A 41 -13.01 13.79 -2.56
C ALA A 41 -14.42 13.40 -2.98
N GLY A 42 -15.24 13.05 -2.04
CA GLY A 42 -16.56 12.59 -2.38
C GLY A 42 -16.56 11.12 -2.70
N ALA A 43 -15.51 10.45 -2.25
CA ALA A 43 -15.39 9.04 -2.43
C ALA A 43 -16.27 8.34 -1.43
N SER A 44 -17.24 7.64 -1.91
CA SER A 44 -18.17 6.95 -1.08
C SER A 44 -17.70 5.49 -0.90
ZN ZN B . -8.17 8.20 -0.43
N ASN A 1 29.02 -23.12 24.32
CA ASN A 1 29.73 -21.83 24.29
C ASN A 1 28.90 -20.84 23.50
N PRO A 2 29.05 -19.53 23.74
CA PRO A 2 28.28 -18.51 23.03
C PRO A 2 28.64 -18.40 21.54
N ASN A 3 27.98 -19.18 20.75
CA ASN A 3 28.14 -19.17 19.31
C ASN A 3 26.80 -18.87 18.74
N ALA A 4 26.51 -17.63 18.53
CA ALA A 4 25.22 -17.24 18.07
C ALA A 4 25.32 -16.07 17.13
N GLN A 5 24.62 -16.16 16.04
CA GLN A 5 24.51 -15.11 15.06
C GLN A 5 23.06 -14.99 14.68
N LEU A 6 22.42 -13.91 15.05
CA LEU A 6 21.04 -13.72 14.69
C LEU A 6 20.97 -13.22 13.27
N ILE A 7 20.40 -14.02 12.40
CA ILE A 7 20.32 -13.66 11.01
C ILE A 7 19.05 -12.88 10.72
N GLU A 8 19.17 -11.59 10.69
CA GLU A 8 18.08 -10.72 10.38
C GLU A 8 18.18 -10.31 8.94
N ASP A 9 17.25 -10.77 8.16
CA ASP A 9 17.18 -10.43 6.76
C ASP A 9 16.57 -9.07 6.64
N PRO A 10 17.29 -8.10 6.05
CA PRO A 10 16.76 -6.75 5.89
C PRO A 10 15.57 -6.77 4.94
N LEU A 11 14.46 -6.26 5.38
CA LEU A 11 13.30 -6.20 4.55
C LEU A 11 13.40 -4.94 3.71
N ASP A 12 13.65 -5.11 2.43
CA ASP A 12 13.91 -3.99 1.51
C ASP A 12 12.74 -3.05 1.43
N LYS A 13 11.62 -3.57 1.03
CA LYS A 13 10.41 -2.79 1.01
C LYS A 13 9.33 -3.48 1.71
N PRO A 14 9.08 -3.09 2.92
CA PRO A 14 7.92 -3.53 3.61
C PRO A 14 6.72 -2.97 2.87
N ILE A 15 5.82 -3.78 2.50
CA ILE A 15 4.66 -3.31 1.80
C ILE A 15 3.41 -3.64 2.54
N GLN A 16 2.98 -2.66 3.30
CA GLN A 16 1.78 -2.73 4.07
C GLN A 16 0.68 -2.02 3.32
N TYR A 17 -0.52 -2.43 3.55
CA TYR A 17 -1.64 -1.91 2.83
C TYR A 17 -2.45 -1.00 3.70
N ARG A 18 -2.48 0.23 3.32
CA ARG A 18 -3.09 1.25 4.07
C ARG A 18 -4.43 1.57 3.47
N VAL A 19 -5.46 1.50 4.27
CA VAL A 19 -6.75 1.93 3.84
C VAL A 19 -6.80 3.43 3.92
N CYS A 20 -7.21 4.03 2.86
CA CYS A 20 -7.35 5.45 2.84
C CYS A 20 -8.43 5.91 3.80
N GLU A 21 -8.11 6.89 4.60
CA GLU A 21 -9.01 7.48 5.59
C GLU A 21 -10.30 8.01 4.93
N LYS A 22 -10.18 8.58 3.74
CA LYS A 22 -11.34 9.13 3.03
C LYS A 22 -12.10 8.05 2.25
N CYS A 23 -11.38 7.25 1.50
CA CYS A 23 -12.00 6.32 0.56
C CYS A 23 -12.30 4.94 1.17
N GLY A 24 -11.64 4.56 2.26
CA GLY A 24 -11.77 3.20 2.82
C GLY A 24 -11.30 2.17 1.80
N LYS A 25 -10.31 2.57 1.05
CA LYS A 25 -9.77 1.82 -0.05
C LYS A 25 -8.31 1.50 0.29
N PRO A 26 -7.91 0.23 0.34
CA PRO A 26 -6.54 -0.17 0.67
C PRO A 26 -5.60 -0.13 -0.53
N LEU A 27 -4.43 0.41 -0.30
CA LEU A 27 -3.37 0.50 -1.28
C LEU A 27 -2.04 0.37 -0.58
N ALA A 28 -0.98 0.21 -1.32
CA ALA A 28 0.34 0.07 -0.74
C ALA A 28 0.83 1.42 -0.21
N LEU A 29 1.43 1.40 0.97
CA LEU A 29 1.94 2.61 1.66
C LEU A 29 3.01 3.37 0.83
N THR A 30 3.54 2.74 -0.18
CA THR A 30 4.58 3.30 -1.00
C THR A 30 3.98 4.25 -2.08
N ALA A 31 2.66 4.24 -2.21
CA ALA A 31 1.98 5.09 -3.17
C ALA A 31 0.85 5.88 -2.51
N ILE A 32 0.76 5.76 -1.18
CA ILE A 32 -0.34 6.35 -0.42
C ILE A 32 -0.32 7.89 -0.54
N VAL A 33 0.87 8.47 -0.59
CA VAL A 33 1.04 9.92 -0.69
C VAL A 33 0.47 10.43 -2.02
N ASP A 34 0.84 9.74 -3.11
CA ASP A 34 0.36 10.09 -4.47
C ASP A 34 -1.15 10.02 -4.52
N HIS A 35 -1.67 8.91 -3.99
CA HIS A 35 -3.10 8.74 -3.88
C HIS A 35 -3.70 9.90 -3.13
N LEU A 36 -3.24 10.15 -1.91
CA LEU A 36 -3.84 11.18 -1.06
C LEU A 36 -3.78 12.54 -1.74
N GLU A 37 -2.73 12.79 -2.48
CA GLU A 37 -2.57 14.02 -3.20
C GLU A 37 -3.61 14.18 -4.33
N ASN A 38 -3.97 13.10 -5.03
CA ASN A 38 -4.87 13.27 -6.19
C ASN A 38 -6.21 12.55 -6.03
N HIS A 39 -6.41 11.97 -4.89
CA HIS A 39 -7.52 11.06 -4.65
C HIS A 39 -8.92 11.56 -4.96
N CYS A 40 -9.52 10.93 -5.91
CA CYS A 40 -10.86 11.17 -6.31
C CYS A 40 -11.69 10.00 -5.78
N ALA A 41 -12.51 10.27 -4.79
CA ALA A 41 -13.29 9.25 -4.11
C ALA A 41 -14.27 8.57 -5.04
N GLY A 42 -14.34 7.27 -4.93
CA GLY A 42 -15.20 6.51 -5.78
C GLY A 42 -14.39 5.71 -6.78
N ALA A 43 -13.11 5.59 -6.51
CA ALA A 43 -12.22 4.85 -7.36
C ALA A 43 -12.13 3.42 -6.86
N SER A 44 -12.29 2.48 -7.75
CA SER A 44 -12.21 1.10 -7.41
C SER A 44 -10.97 0.50 -8.07
ZN ZN B . -8.43 8.36 -0.78
N ASN A 1 14.38 -9.53 17.47
CA ASN A 1 15.58 -9.73 18.30
C ASN A 1 15.38 -10.88 19.23
N PRO A 2 16.40 -11.72 19.40
CA PRO A 2 16.34 -12.86 20.30
C PRO A 2 16.35 -12.41 21.75
N ASN A 3 15.23 -12.58 22.40
CA ASN A 3 15.11 -12.22 23.80
C ASN A 3 15.89 -13.20 24.65
N ALA A 4 15.56 -14.47 24.50
CA ALA A 4 16.25 -15.53 25.18
C ALA A 4 16.30 -16.75 24.29
N GLN A 5 15.19 -17.02 23.66
CA GLN A 5 15.07 -18.10 22.72
C GLN A 5 14.94 -17.49 21.34
N LEU A 6 15.33 -18.22 20.34
CA LEU A 6 15.17 -17.78 18.98
C LEU A 6 13.72 -18.00 18.57
N ILE A 7 13.03 -16.93 18.33
CA ILE A 7 11.65 -17.00 17.93
C ILE A 7 11.56 -16.59 16.48
N GLU A 8 11.49 -17.55 15.61
CA GLU A 8 11.40 -17.28 14.21
C GLU A 8 9.99 -17.48 13.75
N ASP A 9 9.44 -16.47 13.16
CA ASP A 9 8.13 -16.59 12.57
C ASP A 9 8.31 -17.10 11.15
N PRO A 10 7.39 -17.94 10.66
CA PRO A 10 7.45 -18.50 9.30
C PRO A 10 7.63 -17.41 8.27
N LEU A 11 8.57 -17.60 7.37
CA LEU A 11 8.89 -16.61 6.37
C LEU A 11 7.79 -16.61 5.31
N ASP A 12 6.84 -15.76 5.54
CA ASP A 12 5.72 -15.57 4.65
C ASP A 12 5.82 -14.15 4.11
N LYS A 13 4.79 -13.65 3.47
CA LYS A 13 4.85 -12.33 2.86
C LYS A 13 4.07 -11.32 3.62
N PRO A 14 4.77 -10.34 4.13
CA PRO A 14 4.14 -9.22 4.73
C PRO A 14 3.88 -8.14 3.66
N ILE A 15 2.69 -7.67 3.59
CA ILE A 15 2.34 -6.65 2.62
C ILE A 15 1.81 -5.46 3.38
N GLN A 16 2.20 -4.28 2.97
CA GLN A 16 1.90 -3.12 3.75
C GLN A 16 0.96 -2.24 2.97
N TYR A 17 -0.26 -2.23 3.43
CA TYR A 17 -1.34 -1.51 2.84
C TYR A 17 -2.17 -0.91 3.92
N ARG A 18 -2.56 0.30 3.74
CA ARG A 18 -3.42 0.97 4.67
C ARG A 18 -4.56 1.54 3.90
N VAL A 19 -5.72 1.56 4.48
CA VAL A 19 -6.84 2.13 3.79
C VAL A 19 -6.90 3.61 4.03
N CYS A 20 -7.17 4.31 2.99
CA CYS A 20 -7.45 5.72 3.12
C CYS A 20 -8.78 5.80 3.85
N GLU A 21 -8.79 6.46 5.00
CA GLU A 21 -9.96 6.55 5.85
C GLU A 21 -11.17 7.09 5.08
N LYS A 22 -10.92 8.13 4.33
CA LYS A 22 -11.94 8.81 3.56
C LYS A 22 -12.48 7.97 2.39
N CYS A 23 -11.63 7.23 1.71
CA CYS A 23 -12.10 6.48 0.53
C CYS A 23 -12.40 5.00 0.81
N GLY A 24 -11.80 4.46 1.86
CA GLY A 24 -11.94 3.03 2.15
C GLY A 24 -11.08 2.23 1.18
N LYS A 25 -10.07 2.90 0.69
CA LYS A 25 -9.20 2.37 -0.35
C LYS A 25 -7.87 1.89 0.25
N PRO A 26 -7.60 0.57 0.25
CA PRO A 26 -6.32 0.06 0.71
C PRO A 26 -5.25 0.35 -0.33
N LEU A 27 -4.26 1.06 0.09
CA LEU A 27 -3.22 1.48 -0.77
C LEU A 27 -1.89 1.06 -0.20
N ALA A 28 -0.95 0.78 -1.06
CA ALA A 28 0.37 0.39 -0.65
C ALA A 28 1.06 1.54 0.02
N LEU A 29 1.95 1.21 0.95
CA LEU A 29 2.74 2.20 1.67
C LEU A 29 3.47 3.17 0.71
N THR A 30 3.85 2.67 -0.43
CA THR A 30 4.57 3.43 -1.42
C THR A 30 3.61 4.36 -2.21
N ALA A 31 2.32 4.03 -2.20
CA ALA A 31 1.35 4.75 -3.02
C ALA A 31 0.55 5.76 -2.21
N ILE A 32 0.87 5.91 -0.93
CA ILE A 32 0.11 6.80 -0.04
C ILE A 32 0.11 8.23 -0.55
N VAL A 33 1.27 8.76 -0.86
CA VAL A 33 1.38 10.15 -1.30
C VAL A 33 0.68 10.39 -2.63
N ASP A 34 0.83 9.45 -3.56
CA ASP A 34 0.19 9.54 -4.88
C ASP A 34 -1.31 9.63 -4.70
N HIS A 35 -1.86 8.65 -4.03
CA HIS A 35 -3.28 8.62 -3.78
C HIS A 35 -3.73 9.84 -3.00
N LEU A 36 -3.04 10.15 -1.93
CA LEU A 36 -3.45 11.21 -1.02
C LEU A 36 -3.45 12.55 -1.76
N GLU A 37 -2.62 12.67 -2.77
CA GLU A 37 -2.57 13.85 -3.57
C GLU A 37 -3.62 13.83 -4.71
N ASN A 38 -3.93 12.67 -5.27
CA ASN A 38 -4.79 12.66 -6.43
C ASN A 38 -6.17 12.24 -6.08
N HIS A 39 -6.41 12.05 -4.81
CA HIS A 39 -7.71 11.69 -4.44
C HIS A 39 -8.58 12.96 -4.33
N CYS A 40 -9.88 12.82 -4.35
CA CYS A 40 -10.72 13.99 -4.22
C CYS A 40 -10.96 14.30 -2.74
N ALA A 41 -10.38 15.37 -2.27
CA ALA A 41 -10.54 15.77 -0.90
C ALA A 41 -11.70 16.75 -0.79
N GLY A 42 -12.56 16.51 0.18
CA GLY A 42 -13.72 17.35 0.39
C GLY A 42 -14.94 16.72 -0.24
N ALA A 43 -14.71 16.05 -1.34
CA ALA A 43 -15.76 15.37 -2.06
C ALA A 43 -16.17 14.14 -1.31
N SER A 44 -17.42 13.95 -1.11
CA SER A 44 -17.89 12.81 -0.40
C SER A 44 -18.50 11.81 -1.38
ZN ZN B . -8.47 8.74 -0.46
N ASN A 1 22.63 -10.27 18.08
CA ASN A 1 22.79 -10.90 19.39
C ASN A 1 21.98 -12.18 19.42
N PRO A 2 22.56 -13.31 19.84
CA PRO A 2 21.84 -14.57 19.93
C PRO A 2 21.12 -14.70 21.26
N ASN A 3 19.92 -14.19 21.31
CA ASN A 3 19.12 -14.20 22.53
C ASN A 3 17.73 -14.74 22.24
N ALA A 4 17.55 -15.18 21.02
CA ALA A 4 16.31 -15.77 20.57
C ALA A 4 16.64 -16.75 19.48
N GLN A 5 15.73 -17.64 19.20
CA GLN A 5 15.94 -18.62 18.17
C GLN A 5 15.46 -18.01 16.87
N LEU A 6 16.36 -17.88 15.92
CA LEU A 6 16.04 -17.22 14.68
C LEU A 6 15.03 -17.96 13.85
N ILE A 7 14.10 -17.21 13.34
CA ILE A 7 13.17 -17.70 12.36
C ILE A 7 13.86 -17.78 11.03
N GLU A 8 13.30 -18.53 10.12
CA GLU A 8 13.88 -18.73 8.81
C GLU A 8 13.96 -17.39 8.13
N ASP A 9 15.14 -17.11 7.58
CA ASP A 9 15.43 -15.84 6.91
C ASP A 9 14.33 -15.48 5.92
N PRO A 10 13.60 -14.38 6.18
CA PRO A 10 12.53 -13.95 5.32
C PRO A 10 13.07 -13.28 4.06
N LEU A 11 12.57 -13.70 2.94
CA LEU A 11 12.95 -13.10 1.70
C LEU A 11 11.72 -12.90 0.85
N ASP A 12 11.12 -11.75 1.05
CA ASP A 12 9.92 -11.26 0.34
C ASP A 12 9.81 -9.84 0.75
N LYS A 13 8.95 -9.12 0.14
CA LYS A 13 8.62 -7.80 0.62
C LYS A 13 7.18 -7.62 0.65
N PRO A 14 6.60 -7.81 1.80
CA PRO A 14 5.25 -7.40 2.03
C PRO A 14 5.22 -5.89 2.06
N ILE A 15 4.38 -5.29 1.28
CA ILE A 15 4.21 -3.89 1.34
C ILE A 15 2.91 -3.68 2.04
N GLN A 16 2.92 -2.95 3.09
CA GLN A 16 1.75 -2.81 3.89
C GLN A 16 0.72 -1.92 3.24
N TYR A 17 -0.51 -2.29 3.45
CA TYR A 17 -1.63 -1.61 2.91
C TYR A 17 -2.33 -0.90 4.04
N ARG A 18 -2.59 0.34 3.84
CA ARG A 18 -3.33 1.12 4.77
C ARG A 18 -4.53 1.70 4.04
N VAL A 19 -5.69 1.52 4.58
CA VAL A 19 -6.87 2.01 3.93
C VAL A 19 -6.99 3.51 4.07
N CYS A 20 -7.25 4.18 2.97
CA CYS A 20 -7.52 5.58 3.00
C CYS A 20 -8.80 5.78 3.75
N GLU A 21 -8.74 6.47 4.84
CA GLU A 21 -9.85 6.63 5.76
C GLU A 21 -11.06 7.35 5.11
N LYS A 22 -10.83 8.06 4.02
CA LYS A 22 -11.92 8.73 3.31
C LYS A 22 -12.52 7.79 2.23
N CYS A 23 -11.67 7.25 1.38
CA CYS A 23 -12.15 6.48 0.23
C CYS A 23 -12.36 5.00 0.56
N GLY A 24 -11.79 4.55 1.67
CA GLY A 24 -11.89 3.17 2.09
C GLY A 24 -11.18 2.25 1.13
N LYS A 25 -10.06 2.69 0.63
CA LYS A 25 -9.29 1.92 -0.31
C LYS A 25 -7.94 1.59 0.30
N PRO A 26 -7.53 0.31 0.28
CA PRO A 26 -6.22 -0.11 0.77
C PRO A 26 -5.09 0.40 -0.11
N LEU A 27 -4.27 1.26 0.44
CA LEU A 27 -3.14 1.83 -0.24
C LEU A 27 -1.87 1.30 0.33
N ALA A 28 -1.05 0.74 -0.52
CA ALA A 28 0.25 0.31 -0.11
C ALA A 28 1.12 1.54 0.12
N LEU A 29 2.00 1.41 1.06
CA LEU A 29 2.87 2.50 1.53
C LEU A 29 3.66 3.30 0.46
N THR A 30 3.83 2.79 -0.74
CA THR A 30 4.56 3.57 -1.74
C THR A 30 3.58 4.47 -2.53
N ALA A 31 2.39 3.94 -2.81
CA ALA A 31 1.40 4.62 -3.64
C ALA A 31 0.49 5.54 -2.83
N ILE A 32 0.52 5.40 -1.49
CA ILE A 32 -0.31 6.21 -0.60
C ILE A 32 -0.11 7.72 -0.83
N VAL A 33 1.12 8.13 -1.09
CA VAL A 33 1.43 9.54 -1.30
C VAL A 33 0.70 10.07 -2.56
N ASP A 34 0.82 9.30 -3.67
CA ASP A 34 0.17 9.64 -4.94
C ASP A 34 -1.30 9.79 -4.71
N HIS A 35 -1.89 8.72 -4.18
CA HIS A 35 -3.31 8.68 -3.91
C HIS A 35 -3.75 9.83 -3.04
N LEU A 36 -3.13 9.97 -1.88
CA LEU A 36 -3.56 10.95 -0.91
C LEU A 36 -3.45 12.37 -1.48
N GLU A 37 -2.53 12.53 -2.38
CA GLU A 37 -2.33 13.79 -3.05
C GLU A 37 -3.38 14.04 -4.15
N ASN A 38 -3.81 13.01 -4.90
CA ASN A 38 -4.67 13.29 -6.05
C ASN A 38 -6.06 12.86 -5.79
N HIS A 39 -6.30 12.31 -4.64
CA HIS A 39 -7.58 11.74 -4.36
C HIS A 39 -8.67 12.80 -4.29
N CYS A 40 -9.90 12.35 -4.33
CA CYS A 40 -11.05 13.21 -4.29
C CYS A 40 -11.05 14.12 -3.06
N ALA A 41 -11.10 15.40 -3.31
CA ALA A 41 -11.14 16.40 -2.29
C ALA A 41 -12.43 16.30 -1.49
N GLY A 42 -12.41 16.82 -0.29
CA GLY A 42 -13.57 16.71 0.55
C GLY A 42 -13.30 15.76 1.69
N ALA A 43 -12.04 15.54 1.96
CA ALA A 43 -11.65 14.65 3.01
C ALA A 43 -11.42 15.41 4.30
N SER A 44 -12.42 15.42 5.13
CA SER A 44 -12.41 16.00 6.46
C SER A 44 -13.65 15.48 7.19
ZN ZN B . -8.49 8.69 -0.56
N ASN A 1 -15.92 -16.84 -3.23
CA ASN A 1 -15.82 -17.61 -4.48
C ASN A 1 -15.97 -19.06 -4.13
N PRO A 2 -16.72 -19.86 -4.93
CA PRO A 2 -16.87 -21.31 -4.71
C PRO A 2 -15.51 -21.99 -4.66
N ASN A 3 -14.65 -21.62 -5.56
CA ASN A 3 -13.30 -22.08 -5.54
C ASN A 3 -12.44 -20.89 -5.22
N ALA A 4 -11.89 -20.87 -4.05
CA ALA A 4 -11.07 -19.77 -3.64
C ALA A 4 -9.75 -20.29 -3.15
N GLN A 5 -8.71 -19.53 -3.34
CA GLN A 5 -7.41 -19.94 -2.92
C GLN A 5 -7.20 -19.62 -1.45
N LEU A 6 -6.36 -20.39 -0.82
CA LEU A 6 -6.02 -20.22 0.59
C LEU A 6 -5.40 -18.85 0.80
N ILE A 7 -5.90 -18.12 1.76
CA ILE A 7 -5.35 -16.83 2.10
C ILE A 7 -4.07 -17.06 2.86
N GLU A 8 -2.97 -16.91 2.17
CA GLU A 8 -1.66 -17.16 2.72
C GLU A 8 -1.21 -16.02 3.58
N ASP A 9 -0.37 -16.32 4.52
CA ASP A 9 0.27 -15.30 5.30
C ASP A 9 1.73 -15.27 4.87
N PRO A 10 2.14 -14.18 4.22
CA PRO A 10 3.50 -14.01 3.68
C PRO A 10 4.64 -14.44 4.61
N LEU A 11 5.60 -15.11 4.02
CA LEU A 11 6.78 -15.59 4.69
C LEU A 11 7.87 -14.54 4.57
N ASP A 12 8.28 -14.01 5.73
CA ASP A 12 9.34 -12.97 5.87
C ASP A 12 8.90 -11.61 5.34
N LYS A 13 8.41 -11.58 4.12
CA LYS A 13 7.95 -10.35 3.50
C LYS A 13 6.72 -9.87 4.14
N PRO A 14 6.71 -8.64 4.53
CA PRO A 14 5.53 -8.02 4.95
C PRO A 14 4.86 -7.36 3.72
N ILE A 15 3.62 -7.66 3.50
CA ILE A 15 2.95 -7.04 2.39
C ILE A 15 2.18 -5.91 2.92
N GLN A 16 2.55 -4.80 2.43
CA GLN A 16 2.22 -3.56 3.03
C GLN A 16 1.16 -2.71 2.33
N TYR A 17 0.02 -2.62 2.99
CA TYR A 17 -1.09 -1.83 2.54
C TYR A 17 -1.59 -0.99 3.70
N ARG A 18 -2.21 0.10 3.38
CA ARG A 18 -2.81 0.97 4.36
C ARG A 18 -4.05 1.56 3.75
N VAL A 19 -5.12 1.64 4.47
CA VAL A 19 -6.36 2.14 3.91
C VAL A 19 -6.43 3.65 3.99
N CYS A 20 -7.19 4.20 3.10
CA CYS A 20 -7.44 5.62 3.09
C CYS A 20 -8.60 5.94 4.02
N GLU A 21 -8.50 7.06 4.72
CA GLU A 21 -9.55 7.50 5.62
C GLU A 21 -10.81 7.89 4.84
N LYS A 22 -10.64 8.66 3.77
CA LYS A 22 -11.77 9.10 2.97
C LYS A 22 -12.33 7.97 2.11
N CYS A 23 -11.48 7.32 1.34
CA CYS A 23 -11.94 6.36 0.37
C CYS A 23 -12.14 4.95 0.95
N GLY A 24 -11.44 4.62 2.03
CA GLY A 24 -11.55 3.29 2.63
C GLY A 24 -10.66 2.24 1.97
N LYS A 25 -10.45 2.39 0.67
CA LYS A 25 -9.61 1.50 -0.13
C LYS A 25 -8.19 1.32 0.46
N PRO A 26 -7.69 0.05 0.49
CA PRO A 26 -6.33 -0.22 0.88
C PRO A 26 -5.37 0.19 -0.23
N LEU A 27 -4.47 1.03 0.12
CA LEU A 27 -3.50 1.55 -0.78
C LEU A 27 -2.21 0.85 -0.51
N ALA A 28 -1.32 0.80 -1.47
CA ALA A 28 0.01 0.34 -1.20
C ALA A 28 0.64 1.32 -0.23
N LEU A 29 1.37 0.81 0.72
CA LEU A 29 1.90 1.59 1.85
C LEU A 29 2.51 2.94 1.43
N THR A 30 3.44 2.95 0.50
CA THR A 30 4.08 4.19 0.09
C THR A 30 3.34 4.86 -1.10
N ALA A 31 2.20 4.31 -1.48
CA ALA A 31 1.41 4.88 -2.56
C ALA A 31 0.40 5.86 -2.00
N ILE A 32 0.40 5.96 -0.68
CA ILE A 32 -0.49 6.86 0.04
C ILE A 32 -0.21 8.32 -0.39
N VAL A 33 1.05 8.62 -0.71
CA VAL A 33 1.47 9.95 -1.14
C VAL A 33 0.70 10.37 -2.41
N ASP A 34 0.90 9.58 -3.47
CA ASP A 34 0.28 9.85 -4.80
C ASP A 34 -1.22 9.84 -4.67
N HIS A 35 -1.72 8.86 -3.94
CA HIS A 35 -3.13 8.73 -3.71
C HIS A 35 -3.68 9.98 -3.05
N LEU A 36 -3.09 10.39 -1.94
CA LEU A 36 -3.58 11.56 -1.19
C LEU A 36 -3.54 12.80 -2.10
N GLU A 37 -2.54 12.86 -2.95
CA GLU A 37 -2.42 13.98 -3.90
C GLU A 37 -3.53 13.98 -4.95
N ASN A 38 -3.98 12.81 -5.38
CA ASN A 38 -4.90 12.78 -6.51
C ASN A 38 -6.29 12.30 -6.11
N HIS A 39 -6.47 11.96 -4.87
CA HIS A 39 -7.70 11.32 -4.48
C HIS A 39 -8.95 12.20 -4.50
N CYS A 40 -10.06 11.59 -4.85
CA CYS A 40 -11.34 12.25 -4.92
C CYS A 40 -12.10 12.05 -3.61
N ALA A 41 -12.80 13.07 -3.18
CA ALA A 41 -13.64 12.96 -2.02
C ALA A 41 -14.94 12.31 -2.45
N GLY A 42 -15.55 11.57 -1.55
CA GLY A 42 -16.79 10.89 -1.89
C GLY A 42 -16.54 9.66 -2.73
N ALA A 43 -15.34 9.15 -2.69
CA ALA A 43 -14.97 7.99 -3.44
C ALA A 43 -14.82 6.81 -2.50
N SER A 44 -15.24 5.67 -2.93
CA SER A 44 -15.11 4.45 -2.18
C SER A 44 -14.95 3.32 -3.16
ZN ZN B . -8.43 8.52 -0.61
N ASN A 1 12.21 -33.14 -9.04
CA ASN A 1 11.98 -33.72 -7.72
C ASN A 1 13.26 -34.39 -7.23
N PRO A 2 13.98 -33.76 -6.28
CA PRO A 2 15.19 -34.35 -5.71
C PRO A 2 14.87 -35.56 -4.80
N ASN A 3 14.19 -35.29 -3.70
CA ASN A 3 13.80 -36.35 -2.74
C ASN A 3 12.36 -36.15 -2.30
N ALA A 4 11.80 -35.05 -2.69
CA ALA A 4 10.48 -34.63 -2.33
C ALA A 4 10.17 -33.46 -3.21
N GLN A 5 8.93 -33.01 -3.21
CA GLN A 5 8.56 -31.87 -4.02
C GLN A 5 9.09 -30.60 -3.36
N LEU A 6 10.08 -30.05 -3.98
CA LEU A 6 10.76 -28.90 -3.47
C LEU A 6 10.46 -27.68 -4.31
N ILE A 7 9.83 -26.73 -3.71
CA ILE A 7 9.62 -25.45 -4.32
C ILE A 7 10.24 -24.46 -3.38
N GLU A 8 11.47 -24.06 -3.68
CA GLU A 8 12.23 -23.17 -2.83
C GLU A 8 11.52 -21.87 -2.65
N ASP A 9 11.12 -21.62 -1.44
CA ASP A 9 10.36 -20.44 -1.08
C ASP A 9 11.23 -19.20 -1.04
N PRO A 10 10.98 -18.23 -1.93
CA PRO A 10 11.63 -16.96 -1.90
C PRO A 10 10.92 -16.05 -0.90
N LEU A 11 11.66 -15.26 -0.19
CA LEU A 11 11.06 -14.37 0.78
C LEU A 11 10.50 -13.17 0.04
N ASP A 12 9.19 -13.16 -0.11
CA ASP A 12 8.49 -12.09 -0.80
C ASP A 12 8.63 -10.77 -0.08
N LYS A 13 8.72 -9.71 -0.84
CA LYS A 13 8.87 -8.36 -0.33
C LYS A 13 7.60 -7.98 0.34
N PRO A 14 7.69 -7.51 1.55
CA PRO A 14 6.52 -7.14 2.26
C PRO A 14 6.10 -5.71 1.96
N ILE A 15 4.89 -5.56 1.55
CA ILE A 15 4.29 -4.28 1.30
C ILE A 15 3.11 -4.15 2.22
N GLN A 16 2.97 -3.02 2.85
CA GLN A 16 1.89 -2.79 3.77
C GLN A 16 0.89 -1.83 3.19
N TYR A 17 -0.36 -2.04 3.53
CA TYR A 17 -1.46 -1.27 2.98
C TYR A 17 -2.30 -0.70 4.10
N ARG A 18 -2.59 0.56 4.00
CA ARG A 18 -3.47 1.20 4.94
C ARG A 18 -4.70 1.66 4.20
N VAL A 19 -5.86 1.38 4.71
CA VAL A 19 -7.06 1.83 4.04
C VAL A 19 -7.23 3.32 4.24
N CYS A 20 -7.56 3.99 3.17
CA CYS A 20 -7.82 5.39 3.20
C CYS A 20 -9.10 5.64 3.96
N GLU A 21 -9.03 6.50 4.94
CA GLU A 21 -10.16 6.85 5.81
C GLU A 21 -11.32 7.43 4.99
N LYS A 22 -10.98 8.07 3.88
CA LYS A 22 -11.97 8.73 3.06
C LYS A 22 -12.56 7.75 2.02
N CYS A 23 -11.71 7.10 1.27
CA CYS A 23 -12.17 6.30 0.13
C CYS A 23 -12.41 4.83 0.49
N GLY A 24 -11.90 4.38 1.64
CA GLY A 24 -12.02 2.99 2.05
C GLY A 24 -11.34 2.03 1.09
N LYS A 25 -10.18 2.41 0.64
CA LYS A 25 -9.38 1.62 -0.27
C LYS A 25 -8.01 1.41 0.32
N PRO A 26 -7.43 0.20 0.17
CA PRO A 26 -6.10 -0.11 0.70
C PRO A 26 -5.00 0.57 -0.08
N LEU A 27 -4.30 1.46 0.57
CA LEU A 27 -3.23 2.19 -0.05
C LEU A 27 -1.93 1.56 0.35
N ALA A 28 -1.17 1.11 -0.61
CA ALA A 28 0.14 0.58 -0.32
C ALA A 28 1.05 1.73 0.07
N LEU A 29 2.04 1.46 0.92
CA LEU A 29 3.04 2.49 1.32
C LEU A 29 3.74 3.08 0.09
N THR A 30 3.80 2.31 -0.95
CA THR A 30 4.37 2.72 -2.20
C THR A 30 3.46 3.74 -2.94
N ALA A 31 2.16 3.71 -2.69
CA ALA A 31 1.20 4.53 -3.43
C ALA A 31 0.52 5.56 -2.54
N ILE A 32 0.96 5.66 -1.31
CA ILE A 32 0.34 6.55 -0.33
C ILE A 32 0.38 8.02 -0.76
N VAL A 33 1.52 8.47 -1.30
CA VAL A 33 1.71 9.86 -1.64
C VAL A 33 0.84 10.24 -2.83
N ASP A 34 0.87 9.39 -3.85
CA ASP A 34 0.08 9.57 -5.07
C ASP A 34 -1.37 9.68 -4.72
N HIS A 35 -1.84 8.71 -3.96
CA HIS A 35 -3.22 8.68 -3.59
C HIS A 35 -3.61 9.90 -2.73
N LEU A 36 -2.90 10.17 -1.64
CA LEU A 36 -3.33 11.30 -0.77
C LEU A 36 -3.27 12.65 -1.47
N GLU A 37 -2.40 12.76 -2.46
CA GLU A 37 -2.30 13.95 -3.22
C GLU A 37 -3.39 14.06 -4.29
N ASN A 38 -3.79 12.95 -4.89
CA ASN A 38 -4.65 13.04 -6.04
C ASN A 38 -6.04 12.59 -5.71
N HIS A 39 -6.25 12.18 -4.49
CA HIS A 39 -7.53 11.69 -4.16
C HIS A 39 -8.55 12.81 -4.05
N CYS A 40 -9.79 12.49 -4.27
CA CYS A 40 -10.85 13.48 -4.23
C CYS A 40 -11.00 14.12 -2.87
N ALA A 41 -10.65 15.38 -2.81
CA ALA A 41 -10.77 16.15 -1.61
C ALA A 41 -11.93 17.12 -1.78
N GLY A 42 -12.82 17.12 -0.84
CA GLY A 42 -13.92 18.07 -0.86
C GLY A 42 -15.24 17.43 -1.17
N ALA A 43 -15.21 16.35 -1.90
CA ALA A 43 -16.43 15.65 -2.25
C ALA A 43 -16.39 14.27 -1.66
N SER A 44 -17.47 13.87 -1.06
CA SER A 44 -17.56 12.59 -0.43
C SER A 44 -17.88 11.52 -1.47
ZN ZN B . -8.51 8.52 -0.45
N ASN A 1 -8.02 -23.16 -17.69
CA ASN A 1 -8.12 -22.23 -16.57
C ASN A 1 -6.73 -21.66 -16.28
N PRO A 2 -6.52 -20.34 -16.51
CA PRO A 2 -5.22 -19.69 -16.30
C PRO A 2 -4.74 -19.78 -14.85
N ASN A 3 -5.65 -19.61 -13.93
CA ASN A 3 -5.36 -19.71 -12.52
C ASN A 3 -6.60 -20.13 -11.80
N ALA A 4 -6.49 -21.16 -11.01
CA ALA A 4 -7.61 -21.62 -10.22
C ALA A 4 -7.77 -20.68 -9.05
N GLN A 5 -6.67 -20.40 -8.43
CA GLN A 5 -6.61 -19.48 -7.33
C GLN A 5 -5.68 -18.37 -7.73
N LEU A 6 -5.86 -17.23 -7.15
CA LEU A 6 -5.05 -16.10 -7.47
C LEU A 6 -3.74 -16.18 -6.70
N ILE A 7 -2.66 -16.27 -7.41
CA ILE A 7 -1.36 -16.37 -6.78
C ILE A 7 -0.63 -15.03 -6.88
N GLU A 8 -0.12 -14.59 -5.76
CA GLU A 8 0.60 -13.35 -5.68
C GLU A 8 2.01 -13.55 -6.24
N ASP A 9 2.59 -12.49 -6.74
CA ASP A 9 3.94 -12.54 -7.25
C ASP A 9 4.87 -12.52 -6.06
N PRO A 10 6.00 -13.23 -6.10
CA PRO A 10 6.96 -13.22 -5.01
C PRO A 10 7.49 -11.80 -4.75
N LEU A 11 7.33 -11.34 -3.54
CA LEU A 11 7.72 -10.00 -3.17
C LEU A 11 8.88 -10.01 -2.21
N ASP A 12 10.02 -9.49 -2.67
CA ASP A 12 11.20 -9.33 -1.82
C ASP A 12 10.91 -8.29 -0.77
N LYS A 13 10.41 -7.17 -1.22
CA LYS A 13 10.04 -6.09 -0.36
C LYS A 13 8.71 -6.34 0.22
N PRO A 14 8.54 -5.99 1.46
CA PRO A 14 7.26 -6.09 2.05
C PRO A 14 6.43 -4.88 1.67
N ILE A 15 5.30 -5.14 1.13
CA ILE A 15 4.41 -4.09 0.72
C ILE A 15 3.15 -4.21 1.53
N GLN A 16 3.06 -3.36 2.47
CA GLN A 16 1.91 -3.32 3.35
C GLN A 16 0.88 -2.37 2.77
N TYR A 17 -0.35 -2.52 3.19
CA TYR A 17 -1.42 -1.75 2.62
C TYR A 17 -2.08 -0.91 3.68
N ARG A 18 -2.39 0.30 3.35
CA ARG A 18 -2.98 1.23 4.26
C ARG A 18 -4.26 1.74 3.65
N VAL A 19 -5.31 1.82 4.41
CA VAL A 19 -6.54 2.33 3.88
C VAL A 19 -6.71 3.78 4.26
N CYS A 20 -7.26 4.53 3.37
CA CYS A 20 -7.60 5.91 3.62
C CYS A 20 -8.99 5.91 4.23
N GLU A 21 -9.22 6.65 5.29
CA GLU A 21 -10.47 6.58 6.03
C GLU A 21 -11.71 6.94 5.20
N LYS A 22 -11.66 8.08 4.53
CA LYS A 22 -12.77 8.58 3.77
C LYS A 22 -13.08 7.69 2.56
N CYS A 23 -12.06 7.34 1.82
CA CYS A 23 -12.23 6.58 0.61
C CYS A 23 -12.43 5.10 0.90
N GLY A 24 -11.80 4.59 1.96
CA GLY A 24 -11.83 3.17 2.27
C GLY A 24 -11.03 2.39 1.26
N LYS A 25 -10.15 3.11 0.60
CA LYS A 25 -9.34 2.59 -0.47
C LYS A 25 -8.02 2.18 0.12
N PRO A 26 -7.63 0.92 -0.05
CA PRO A 26 -6.35 0.43 0.38
C PRO A 26 -5.27 0.73 -0.64
N LEU A 27 -4.29 1.44 -0.23
CA LEU A 27 -3.17 1.75 -1.06
C LEU A 27 -1.93 1.14 -0.48
N ALA A 28 -0.89 1.06 -1.27
CA ALA A 28 0.35 0.53 -0.79
C ALA A 28 1.03 1.57 0.08
N LEU A 29 1.81 1.13 1.05
CA LEU A 29 2.54 2.02 1.98
C LEU A 29 3.44 3.01 1.23
N THR A 30 3.84 2.63 0.04
CA THR A 30 4.66 3.44 -0.82
C THR A 30 3.81 4.40 -1.68
N ALA A 31 2.62 3.96 -2.05
CA ALA A 31 1.75 4.68 -2.97
C ALA A 31 0.81 5.65 -2.25
N ILE A 32 1.01 5.79 -0.95
CA ILE A 32 0.23 6.69 -0.12
C ILE A 32 0.25 8.11 -0.66
N VAL A 33 1.42 8.58 -1.06
CA VAL A 33 1.58 9.94 -1.56
C VAL A 33 0.81 10.16 -2.85
N ASP A 34 0.81 9.17 -3.73
CA ASP A 34 0.07 9.26 -5.00
C ASP A 34 -1.40 9.36 -4.72
N HIS A 35 -1.89 8.41 -3.91
CA HIS A 35 -3.30 8.42 -3.54
C HIS A 35 -3.67 9.72 -2.87
N LEU A 36 -2.93 10.09 -1.86
CA LEU A 36 -3.26 11.26 -1.06
C LEU A 36 -3.25 12.52 -1.92
N GLU A 37 -2.39 12.54 -2.91
CA GLU A 37 -2.29 13.65 -3.81
C GLU A 37 -3.49 13.70 -4.77
N ASN A 38 -3.93 12.55 -5.29
CA ASN A 38 -4.91 12.60 -6.36
C ASN A 38 -6.26 12.12 -5.93
N HIS A 39 -6.40 11.83 -4.67
CA HIS A 39 -7.63 11.28 -4.20
C HIS A 39 -8.77 12.28 -4.26
N CYS A 40 -9.96 11.79 -4.46
CA CYS A 40 -11.13 12.63 -4.54
C CYS A 40 -11.54 13.09 -3.15
N ALA A 41 -11.38 14.35 -2.89
CA ALA A 41 -11.74 14.91 -1.63
C ALA A 41 -13.16 15.42 -1.70
N GLY A 42 -14.00 14.96 -0.82
CA GLY A 42 -15.38 15.37 -0.82
C GLY A 42 -16.25 14.32 -1.46
N ALA A 43 -15.62 13.43 -2.18
CA ALA A 43 -16.31 12.35 -2.82
C ALA A 43 -15.79 11.04 -2.27
N SER A 44 -16.52 10.49 -1.36
CA SER A 44 -16.12 9.28 -0.70
C SER A 44 -17.33 8.57 -0.10
ZN ZN B . -8.36 8.97 0.03
N ASN A 1 33.04 -20.94 -20.39
CA ASN A 1 31.92 -20.13 -19.95
C ASN A 1 32.02 -18.80 -20.64
N PRO A 2 30.91 -18.20 -21.11
CA PRO A 2 30.92 -16.88 -21.76
C PRO A 2 31.10 -15.74 -20.75
N ASN A 3 32.23 -15.80 -20.01
CA ASN A 3 32.61 -14.84 -18.97
C ASN A 3 31.74 -15.05 -17.76
N ALA A 4 32.02 -14.36 -16.71
CA ALA A 4 31.21 -14.50 -15.54
C ALA A 4 29.99 -13.62 -15.68
N GLN A 5 28.86 -14.23 -15.78
CA GLN A 5 27.63 -13.50 -15.89
C GLN A 5 27.21 -13.06 -14.51
N LEU A 6 27.15 -11.80 -14.32
CA LEU A 6 26.82 -11.23 -13.05
C LEU A 6 25.57 -10.40 -13.16
N ILE A 7 24.60 -10.72 -12.35
CA ILE A 7 23.39 -9.94 -12.30
C ILE A 7 23.50 -8.97 -11.15
N GLU A 8 22.71 -7.94 -11.17
CA GLU A 8 22.68 -7.03 -10.06
C GLU A 8 21.63 -7.52 -9.08
N ASP A 9 21.78 -7.16 -7.84
CA ASP A 9 20.92 -7.69 -6.79
C ASP A 9 19.59 -7.00 -6.78
N PRO A 10 18.51 -7.73 -7.04
CA PRO A 10 17.18 -7.15 -7.07
C PRO A 10 16.64 -6.91 -5.65
N LEU A 11 16.23 -5.70 -5.40
CA LEU A 11 15.70 -5.35 -4.10
C LEU A 11 14.21 -5.62 -4.07
N ASP A 12 13.82 -6.50 -3.18
CA ASP A 12 12.42 -6.85 -3.03
C ASP A 12 11.89 -6.20 -1.78
N LYS A 13 10.78 -5.54 -1.90
CA LYS A 13 10.19 -4.82 -0.79
C LYS A 13 8.87 -5.38 -0.40
N PRO A 14 8.78 -5.81 0.84
CA PRO A 14 7.51 -6.08 1.47
C PRO A 14 6.71 -4.75 1.50
N ILE A 15 5.52 -4.77 1.03
CA ILE A 15 4.71 -3.58 0.97
C ILE A 15 3.46 -3.77 1.80
N GLN A 16 3.14 -2.79 2.59
CA GLN A 16 1.97 -2.86 3.42
C GLN A 16 0.87 -1.99 2.87
N TYR A 17 -0.35 -2.33 3.22
CA TYR A 17 -1.53 -1.67 2.75
C TYR A 17 -2.29 -1.11 3.93
N ARG A 18 -2.96 -0.03 3.70
CA ARG A 18 -3.77 0.60 4.72
C ARG A 18 -4.97 1.26 4.06
N VAL A 19 -6.13 1.13 4.67
CA VAL A 19 -7.33 1.75 4.14
C VAL A 19 -7.35 3.24 4.42
N CYS A 20 -7.63 3.98 3.39
CA CYS A 20 -7.71 5.41 3.46
C CYS A 20 -9.01 5.85 4.10
N GLU A 21 -8.92 6.85 4.96
CA GLU A 21 -10.05 7.41 5.68
C GLU A 21 -11.14 7.88 4.71
N LYS A 22 -10.74 8.65 3.72
CA LYS A 22 -11.68 9.27 2.79
C LYS A 22 -12.20 8.32 1.72
N CYS A 23 -11.61 7.15 1.59
CA CYS A 23 -11.98 6.29 0.48
C CYS A 23 -12.37 4.86 0.90
N GLY A 24 -11.73 4.33 1.92
CA GLY A 24 -11.94 2.94 2.32
C GLY A 24 -11.07 2.00 1.49
N LYS A 25 -10.31 2.60 0.60
CA LYS A 25 -9.43 1.92 -0.29
C LYS A 25 -8.14 1.57 0.42
N PRO A 26 -7.75 0.29 0.44
CA PRO A 26 -6.45 -0.10 0.93
C PRO A 26 -5.40 0.27 -0.11
N LEU A 27 -4.55 1.15 0.25
CA LEU A 27 -3.49 1.58 -0.63
C LEU A 27 -2.18 1.09 -0.13
N ALA A 28 -1.23 1.01 -1.02
CA ALA A 28 0.09 0.58 -0.70
C ALA A 28 0.91 1.76 -0.20
N LEU A 29 1.77 1.52 0.78
CA LEU A 29 2.61 2.58 1.37
C LEU A 29 3.48 3.30 0.33
N THR A 30 3.92 2.58 -0.67
CA THR A 30 4.77 3.15 -1.71
C THR A 30 3.94 3.99 -2.72
N ALA A 31 2.67 4.16 -2.44
CA ALA A 31 1.81 4.93 -3.28
C ALA A 31 0.99 5.92 -2.46
N ILE A 32 1.28 6.01 -1.15
CA ILE A 32 0.47 6.84 -0.26
C ILE A 32 0.48 8.33 -0.65
N VAL A 33 1.65 8.88 -0.99
CA VAL A 33 1.73 10.31 -1.35
C VAL A 33 0.91 10.58 -2.62
N ASP A 34 1.03 9.66 -3.56
CA ASP A 34 0.31 9.70 -4.82
C ASP A 34 -1.18 9.71 -4.53
N HIS A 35 -1.61 8.70 -3.81
CA HIS A 35 -3.00 8.56 -3.46
C HIS A 35 -3.51 9.79 -2.68
N LEU A 36 -2.83 10.17 -1.61
CA LEU A 36 -3.33 11.30 -0.79
C LEU A 36 -3.36 12.61 -1.56
N GLU A 37 -2.58 12.70 -2.63
CA GLU A 37 -2.62 13.87 -3.45
C GLU A 37 -3.72 13.79 -4.53
N ASN A 38 -4.02 12.60 -5.06
CA ASN A 38 -4.92 12.52 -6.19
C ASN A 38 -6.22 11.93 -5.83
N HIS A 39 -6.41 11.66 -4.58
CA HIS A 39 -7.60 11.03 -4.19
C HIS A 39 -8.80 11.96 -4.15
N CYS A 40 -9.96 11.41 -4.36
CA CYS A 40 -11.18 12.12 -4.25
C CYS A 40 -11.67 12.02 -2.82
N ALA A 41 -11.96 13.13 -2.22
CA ALA A 41 -12.41 13.15 -0.86
C ALA A 41 -13.83 12.65 -0.77
N GLY A 42 -14.01 11.52 -0.11
CA GLY A 42 -15.32 10.97 0.06
C GLY A 42 -15.67 10.01 -1.05
N ALA A 43 -14.65 9.52 -1.75
CA ALA A 43 -14.81 8.60 -2.88
C ALA A 43 -15.63 7.36 -2.50
N SER A 44 -16.85 7.32 -2.95
CA SER A 44 -17.75 6.22 -2.72
C SER A 44 -18.69 6.10 -3.90
ZN ZN B . -8.15 8.37 -0.25
N ASN A 1 27.73 -30.78 13.69
CA ASN A 1 27.65 -31.13 15.11
C ASN A 1 28.19 -30.02 16.04
N PRO A 2 29.48 -29.56 15.91
CA PRO A 2 30.04 -28.55 16.86
C PRO A 2 29.51 -27.11 16.65
N ASN A 3 29.05 -26.81 15.46
CA ASN A 3 28.65 -25.45 15.15
C ASN A 3 27.16 -25.37 14.92
N ALA A 4 26.51 -24.46 15.58
CA ALA A 4 25.10 -24.25 15.37
C ALA A 4 24.95 -23.31 14.19
N GLN A 5 24.85 -23.88 13.02
CA GLN A 5 24.74 -23.12 11.80
C GLN A 5 23.40 -22.42 11.74
N LEU A 6 23.43 -21.13 11.80
CA LEU A 6 22.23 -20.34 11.74
C LEU A 6 22.12 -19.74 10.35
N ILE A 7 20.93 -19.61 9.87
CA ILE A 7 20.72 -19.09 8.54
C ILE A 7 20.71 -17.58 8.52
N GLU A 8 21.33 -17.02 7.51
CA GLU A 8 21.36 -15.59 7.34
C GLU A 8 20.17 -15.19 6.51
N ASP A 9 19.32 -14.41 7.07
CA ASP A 9 18.16 -13.96 6.34
C ASP A 9 18.27 -12.47 6.05
N PRO A 10 18.11 -12.08 4.78
CA PRO A 10 18.22 -10.70 4.38
C PRO A 10 17.03 -9.88 4.86
N LEU A 11 17.26 -8.62 5.14
CA LEU A 11 16.22 -7.74 5.60
C LEU A 11 15.36 -7.32 4.44
N ASP A 12 14.10 -7.19 4.69
CA ASP A 12 13.14 -6.82 3.68
C ASP A 12 12.06 -6.02 4.33
N LYS A 13 11.19 -5.51 3.53
CA LYS A 13 10.07 -4.76 4.02
C LYS A 13 8.90 -5.18 3.24
N PRO A 14 7.86 -5.57 3.90
CA PRO A 14 6.69 -5.99 3.23
C PRO A 14 5.89 -4.77 2.81
N ILE A 15 5.55 -4.73 1.57
CA ILE A 15 4.73 -3.67 1.06
C ILE A 15 3.32 -3.89 1.53
N GLN A 16 3.04 -3.24 2.59
CA GLN A 16 1.80 -3.34 3.30
C GLN A 16 0.83 -2.31 2.81
N TYR A 17 -0.40 -2.52 3.14
CA TYR A 17 -1.44 -1.68 2.70
C TYR A 17 -2.02 -0.92 3.86
N ARG A 18 -2.62 0.17 3.54
CA ARG A 18 -3.27 1.04 4.48
C ARG A 18 -4.53 1.58 3.85
N VAL A 19 -5.63 1.47 4.55
CA VAL A 19 -6.88 1.98 4.04
C VAL A 19 -6.90 3.49 4.12
N CYS A 20 -7.50 4.10 3.16
CA CYS A 20 -7.59 5.53 3.13
C CYS A 20 -8.69 6.02 4.06
N GLU A 21 -8.42 7.15 4.71
CA GLU A 21 -9.33 7.88 5.59
C GLU A 21 -10.73 7.99 4.99
N LYS A 22 -10.84 8.53 3.80
CA LYS A 22 -12.14 8.74 3.22
C LYS A 22 -12.55 7.71 2.18
N CYS A 23 -11.61 7.21 1.41
CA CYS A 23 -11.96 6.30 0.33
C CYS A 23 -12.15 4.86 0.83
N GLY A 24 -11.58 4.53 1.99
CA GLY A 24 -11.69 3.17 2.54
C GLY A 24 -10.76 2.15 1.87
N LYS A 25 -10.57 2.31 0.57
CA LYS A 25 -9.69 1.49 -0.25
C LYS A 25 -8.28 1.38 0.35
N PRO A 26 -7.68 0.19 0.29
CA PRO A 26 -6.32 -0.04 0.76
C PRO A 26 -5.26 0.37 -0.27
N LEU A 27 -4.35 1.20 0.14
CA LEU A 27 -3.25 1.64 -0.69
C LEU A 27 -1.98 1.05 -0.18
N ALA A 28 -1.03 0.82 -1.05
CA ALA A 28 0.26 0.38 -0.65
C ALA A 28 0.97 1.55 0.01
N LEU A 29 1.80 1.28 0.99
CA LEU A 29 2.49 2.33 1.76
C LEU A 29 3.28 3.32 0.86
N THR A 30 3.78 2.86 -0.26
CA THR A 30 4.54 3.72 -1.14
C THR A 30 3.59 4.57 -2.03
N ALA A 31 2.40 4.06 -2.26
CA ALA A 31 1.47 4.70 -3.19
C ALA A 31 0.52 5.67 -2.47
N ILE A 32 0.53 5.63 -1.14
CA ILE A 32 -0.38 6.48 -0.37
C ILE A 32 -0.14 7.97 -0.61
N VAL A 33 1.11 8.37 -0.82
CA VAL A 33 1.44 9.77 -1.03
C VAL A 33 0.74 10.28 -2.30
N ASP A 34 0.95 9.56 -3.39
CA ASP A 34 0.35 9.88 -4.69
C ASP A 34 -1.16 9.86 -4.60
N HIS A 35 -1.69 8.80 -4.00
CA HIS A 35 -3.12 8.66 -3.80
C HIS A 35 -3.68 9.82 -3.00
N LEU A 36 -3.10 10.10 -1.86
CA LEU A 36 -3.62 11.12 -0.96
C LEU A 36 -3.50 12.49 -1.64
N GLU A 37 -2.57 12.59 -2.56
CA GLU A 37 -2.38 13.77 -3.36
C GLU A 37 -3.51 13.91 -4.42
N ASN A 38 -3.89 12.83 -5.11
CA ASN A 38 -4.78 12.98 -6.27
C ASN A 38 -6.14 12.43 -6.01
N HIS A 39 -6.39 11.99 -4.80
CA HIS A 39 -7.64 11.38 -4.53
C HIS A 39 -8.80 12.37 -4.62
N CYS A 40 -9.66 12.13 -5.54
CA CYS A 40 -10.77 13.02 -5.78
C CYS A 40 -12.00 12.51 -5.08
N ALA A 41 -12.72 13.41 -4.47
CA ALA A 41 -13.98 13.07 -3.86
C ALA A 41 -14.92 12.58 -4.94
N GLY A 42 -15.58 11.50 -4.70
CA GLY A 42 -16.42 10.90 -5.70
C GLY A 42 -15.85 9.60 -6.16
N ALA A 43 -14.56 9.43 -5.96
CA ALA A 43 -13.91 8.16 -6.26
C ALA A 43 -14.26 7.22 -5.15
N SER A 44 -14.51 5.96 -5.50
CA SER A 44 -14.98 4.94 -4.57
C SER A 44 -16.26 5.35 -3.85
ZN ZN B . -8.33 8.51 -0.59
N ASN A 1 30.94 9.19 0.50
CA ASN A 1 30.60 10.14 1.54
C ASN A 1 29.57 9.49 2.43
N PRO A 2 29.59 9.75 3.75
CA PRO A 2 28.66 9.13 4.74
C PRO A 2 27.17 9.15 4.34
N ASN A 3 26.75 10.20 3.61
CA ASN A 3 25.34 10.30 3.16
C ASN A 3 24.98 9.20 2.19
N ALA A 4 25.99 8.76 1.43
CA ALA A 4 25.87 7.74 0.38
C ALA A 4 25.09 8.24 -0.83
N GLN A 5 25.48 7.78 -1.99
CA GLN A 5 24.77 8.07 -3.22
C GLN A 5 23.57 7.17 -3.26
N LEU A 6 22.40 7.72 -3.10
CA LEU A 6 21.22 6.92 -3.04
C LEU A 6 20.17 7.40 -4.00
N ILE A 7 19.62 6.49 -4.72
CA ILE A 7 18.50 6.72 -5.56
C ILE A 7 17.44 5.74 -5.11
N GLU A 8 16.27 6.24 -4.84
CA GLU A 8 15.18 5.42 -4.36
C GLU A 8 14.86 4.36 -5.38
N ASP A 9 14.61 3.18 -4.90
CA ASP A 9 14.28 2.07 -5.75
C ASP A 9 12.82 2.18 -6.17
N PRO A 10 12.53 1.89 -7.45
CA PRO A 10 11.19 2.01 -8.01
C PRO A 10 10.19 1.09 -7.32
N LEU A 11 8.94 1.45 -7.37
CA LEU A 11 7.96 0.66 -6.71
C LEU A 11 7.42 -0.39 -7.62
N ASP A 12 8.10 -1.50 -7.61
CA ASP A 12 7.66 -2.75 -8.23
C ASP A 12 7.67 -3.78 -7.12
N LYS A 13 7.88 -3.24 -5.96
CA LYS A 13 8.02 -3.94 -4.71
C LYS A 13 6.71 -4.29 -4.18
N PRO A 14 6.64 -5.35 -3.44
CA PRO A 14 5.46 -5.65 -2.73
C PRO A 14 5.52 -4.89 -1.39
N ILE A 15 4.50 -4.15 -1.13
CA ILE A 15 4.41 -3.32 0.06
C ILE A 15 3.06 -3.58 0.70
N GLN A 16 3.00 -3.51 2.03
CA GLN A 16 1.75 -3.69 2.74
C GLN A 16 0.78 -2.54 2.47
N TYR A 17 -0.48 -2.76 2.75
CA TYR A 17 -1.51 -1.83 2.40
C TYR A 17 -2.29 -1.37 3.63
N ARG A 18 -2.81 -0.19 3.55
CA ARG A 18 -3.68 0.35 4.57
C ARG A 18 -4.84 1.00 3.88
N VAL A 19 -5.97 1.10 4.51
CA VAL A 19 -7.11 1.71 3.89
C VAL A 19 -7.16 3.19 4.20
N CYS A 20 -7.45 3.96 3.19
CA CYS A 20 -7.59 5.38 3.35
C CYS A 20 -8.80 5.70 4.20
N GLU A 21 -8.58 6.58 5.17
CA GLU A 21 -9.60 7.08 6.10
C GLU A 21 -10.84 7.56 5.33
N LYS A 22 -10.59 8.28 4.27
CA LYS A 22 -11.62 8.91 3.51
C LYS A 22 -12.29 7.96 2.51
N CYS A 23 -11.49 7.32 1.71
CA CYS A 23 -12.04 6.57 0.59
C CYS A 23 -12.29 5.09 0.91
N GLY A 24 -11.60 4.56 1.92
CA GLY A 24 -11.72 3.14 2.24
C GLY A 24 -10.94 2.26 1.26
N LYS A 25 -10.16 2.90 0.41
CA LYS A 25 -9.39 2.24 -0.61
C LYS A 25 -8.06 1.83 0.01
N PRO A 26 -7.66 0.56 -0.13
CA PRO A 26 -6.38 0.08 0.36
C PRO A 26 -5.23 0.55 -0.52
N LEU A 27 -4.38 1.36 0.04
CA LEU A 27 -3.26 1.89 -0.67
C LEU A 27 -2.00 1.34 -0.06
N ALA A 28 -0.99 1.18 -0.87
CA ALA A 28 0.29 0.71 -0.42
C ALA A 28 0.93 1.78 0.44
N LEU A 29 1.70 1.37 1.43
CA LEU A 29 2.36 2.29 2.35
C LEU A 29 3.22 3.33 1.61
N THR A 30 3.79 2.92 0.50
CA THR A 30 4.63 3.75 -0.32
C THR A 30 3.82 4.58 -1.33
N ALA A 31 2.55 4.25 -1.49
CA ALA A 31 1.71 4.89 -2.50
C ALA A 31 0.90 6.03 -1.91
N ILE A 32 1.19 6.35 -0.65
CA ILE A 32 0.49 7.42 0.07
C ILE A 32 0.50 8.74 -0.70
N VAL A 33 1.65 9.10 -1.28
CA VAL A 33 1.77 10.34 -2.04
C VAL A 33 0.79 10.37 -3.24
N ASP A 34 0.76 9.28 -4.00
CA ASP A 34 -0.07 9.16 -5.20
C ASP A 34 -1.54 9.26 -4.86
N HIS A 35 -1.96 8.41 -3.95
CA HIS A 35 -3.35 8.37 -3.58
C HIS A 35 -3.79 9.70 -2.94
N LEU A 36 -3.01 10.23 -2.04
CA LEU A 36 -3.39 11.47 -1.36
C LEU A 36 -3.42 12.64 -2.35
N GLU A 37 -2.59 12.55 -3.36
CA GLU A 37 -2.52 13.56 -4.41
C GLU A 37 -3.70 13.41 -5.38
N ASN A 38 -4.24 12.20 -5.53
CA ASN A 38 -5.27 11.96 -6.50
C ASN A 38 -6.58 12.09 -5.82
N HIS A 39 -6.59 11.90 -4.53
CA HIS A 39 -7.81 11.97 -3.86
C HIS A 39 -8.21 13.41 -3.60
N CYS A 40 -9.46 13.70 -3.59
CA CYS A 40 -9.91 15.05 -3.35
C CYS A 40 -10.05 15.28 -1.87
N ALA A 41 -9.50 16.35 -1.39
CA ALA A 41 -9.65 16.73 -0.03
C ALA A 41 -10.69 17.81 0.06
N GLY A 42 -11.50 17.77 1.09
CA GLY A 42 -12.55 18.75 1.29
C GLY A 42 -13.84 18.33 0.61
N ALA A 43 -13.70 17.68 -0.50
CA ALA A 43 -14.82 17.17 -1.26
C ALA A 43 -14.71 15.67 -1.31
N SER A 44 -15.78 15.01 -1.60
CA SER A 44 -15.79 13.58 -1.64
C SER A 44 -16.31 13.13 -2.99
ZN ZN B . -8.37 8.69 -0.07
N ASN A 1 4.87 -1.62 -27.31
CA ASN A 1 4.87 -2.63 -26.25
C ASN A 1 3.55 -3.34 -26.19
N PRO A 2 3.47 -4.59 -26.69
CA PRO A 2 2.25 -5.40 -26.62
C PRO A 2 2.15 -6.12 -25.28
N ASN A 3 3.10 -5.84 -24.43
CA ASN A 3 3.16 -6.38 -23.11
C ASN A 3 3.87 -5.35 -22.28
N ALA A 4 3.49 -5.24 -21.04
CA ALA A 4 4.09 -4.31 -20.12
C ALA A 4 5.57 -4.60 -19.93
N GLN A 5 6.33 -3.61 -19.56
CA GLN A 5 7.72 -3.80 -19.29
C GLN A 5 7.86 -4.60 -18.01
N LEU A 6 8.73 -5.59 -18.00
CA LEU A 6 8.93 -6.38 -16.82
C LEU A 6 9.61 -5.50 -15.79
N ILE A 7 8.91 -5.25 -14.73
CA ILE A 7 9.38 -4.46 -13.63
C ILE A 7 9.15 -5.29 -12.40
N GLU A 8 10.20 -5.84 -11.87
CA GLU A 8 10.08 -6.66 -10.71
C GLU A 8 9.76 -5.78 -9.53
N ASP A 9 8.83 -6.22 -8.73
CA ASP A 9 8.42 -5.47 -7.59
C ASP A 9 9.31 -5.89 -6.43
N PRO A 10 10.23 -5.03 -6.03
CA PRO A 10 11.26 -5.39 -5.06
C PRO A 10 10.76 -5.42 -3.63
N LEU A 11 11.01 -6.52 -2.95
CA LEU A 11 10.62 -6.61 -1.58
C LEU A 11 11.84 -6.68 -0.66
N ASP A 12 12.26 -5.51 -0.27
CA ASP A 12 13.30 -5.33 0.74
C ASP A 12 12.60 -4.88 1.96
N LYS A 13 11.65 -4.02 1.72
CA LYS A 13 10.72 -3.54 2.68
C LYS A 13 9.54 -4.40 2.61
N PRO A 14 8.85 -4.53 3.70
CA PRO A 14 7.61 -5.17 3.68
C PRO A 14 6.57 -4.17 3.15
N ILE A 15 5.85 -4.57 2.15
CA ILE A 15 4.90 -3.69 1.53
C ILE A 15 3.56 -3.90 2.14
N GLN A 16 3.10 -2.90 2.80
CA GLN A 16 1.86 -2.98 3.51
C GLN A 16 0.80 -2.18 2.83
N TYR A 17 -0.42 -2.59 3.05
CA TYR A 17 -1.57 -2.00 2.44
C TYR A 17 -2.48 -1.47 3.54
N ARG A 18 -2.76 -0.21 3.49
CA ARG A 18 -3.53 0.47 4.50
C ARG A 18 -4.75 1.10 3.85
N VAL A 19 -5.86 1.14 4.56
CA VAL A 19 -7.05 1.75 4.01
C VAL A 19 -7.07 3.24 4.30
N CYS A 20 -7.49 3.99 3.33
CA CYS A 20 -7.59 5.41 3.46
C CYS A 20 -8.85 5.82 4.20
N GLU A 21 -8.71 6.88 4.96
CA GLU A 21 -9.74 7.50 5.78
C GLU A 21 -11.06 7.71 5.02
N LYS A 22 -11.04 8.59 4.04
CA LYS A 22 -12.25 8.99 3.36
C LYS A 22 -12.60 8.14 2.15
N CYS A 23 -11.69 7.31 1.72
CA CYS A 23 -11.97 6.50 0.55
C CYS A 23 -12.33 5.07 0.93
N GLY A 24 -11.76 4.56 2.01
CA GLY A 24 -11.98 3.17 2.41
C GLY A 24 -11.20 2.21 1.53
N LYS A 25 -10.40 2.76 0.65
CA LYS A 25 -9.61 1.99 -0.27
C LYS A 25 -8.29 1.61 0.35
N PRO A 26 -7.87 0.36 0.23
CA PRO A 26 -6.54 -0.05 0.62
C PRO A 26 -5.52 0.36 -0.45
N LEU A 27 -4.41 0.85 -0.01
CA LEU A 27 -3.33 1.25 -0.87
C LEU A 27 -2.04 0.87 -0.20
N ALA A 28 -1.01 0.69 -0.97
CA ALA A 28 0.28 0.38 -0.41
C ALA A 28 0.93 1.65 0.04
N LEU A 29 1.65 1.54 1.12
CA LEU A 29 2.33 2.69 1.76
C LEU A 29 3.30 3.41 0.82
N THR A 30 3.80 2.72 -0.19
CA THR A 30 4.72 3.31 -1.15
C THR A 30 3.99 4.35 -2.03
N ALA A 31 2.69 4.17 -2.17
CA ALA A 31 1.89 4.97 -3.06
C ALA A 31 1.08 6.01 -2.30
N ILE A 32 1.34 6.14 -0.99
CA ILE A 32 0.59 7.04 -0.12
C ILE A 32 0.53 8.48 -0.69
N VAL A 33 1.66 9.00 -1.13
CA VAL A 33 1.73 10.38 -1.62
C VAL A 33 0.92 10.58 -2.89
N ASP A 34 0.97 9.63 -3.80
CA ASP A 34 0.25 9.71 -5.08
C ASP A 34 -1.22 9.72 -4.79
N HIS A 35 -1.66 8.70 -4.05
CA HIS A 35 -3.05 8.58 -3.67
C HIS A 35 -3.50 9.80 -2.92
N LEU A 36 -2.77 10.17 -1.89
CA LEU A 36 -3.17 11.24 -1.01
C LEU A 36 -3.33 12.55 -1.77
N GLU A 37 -2.53 12.75 -2.80
CA GLU A 37 -2.67 13.93 -3.61
C GLU A 37 -3.71 13.82 -4.74
N ASN A 38 -4.06 12.61 -5.18
CA ASN A 38 -5.01 12.53 -6.28
C ASN A 38 -6.32 11.99 -5.85
N HIS A 39 -6.46 11.75 -4.58
CA HIS A 39 -7.64 11.15 -4.11
C HIS A 39 -8.86 12.04 -4.22
N CYS A 40 -9.93 11.45 -4.62
CA CYS A 40 -11.15 12.14 -4.91
C CYS A 40 -12.18 11.88 -3.82
N ALA A 41 -13.08 12.82 -3.61
CA ALA A 41 -14.13 12.65 -2.64
C ALA A 41 -15.25 11.82 -3.26
N GLY A 42 -15.43 10.63 -2.76
CA GLY A 42 -16.37 9.73 -3.33
C GLY A 42 -15.67 8.67 -4.16
N ALA A 43 -14.39 8.51 -3.92
CA ALA A 43 -13.58 7.52 -4.59
C ALA A 43 -13.99 6.13 -4.12
N SER A 44 -14.77 5.48 -4.92
CA SER A 44 -15.28 4.19 -4.64
C SER A 44 -15.71 3.60 -5.97
ZN ZN B . -8.08 8.59 -0.11
N ASN A 1 11.19 -36.90 -16.76
CA ASN A 1 9.98 -36.21 -16.35
C ASN A 1 10.35 -34.99 -15.53
N PRO A 2 10.15 -33.79 -16.08
CA PRO A 2 10.52 -32.56 -15.40
C PRO A 2 9.59 -32.24 -14.23
N ASN A 3 10.16 -31.86 -13.13
CA ASN A 3 9.40 -31.43 -11.96
C ASN A 3 9.15 -29.95 -12.08
N ALA A 4 10.16 -29.27 -12.66
CA ALA A 4 10.12 -27.85 -13.02
C ALA A 4 9.76 -26.91 -11.88
N GLN A 5 10.76 -26.38 -11.25
CA GLN A 5 10.53 -25.39 -10.22
C GLN A 5 10.61 -24.01 -10.85
N LEU A 6 9.49 -23.38 -11.00
CA LEU A 6 9.44 -22.05 -11.56
C LEU A 6 9.76 -21.03 -10.50
N ILE A 7 10.70 -20.17 -10.80
CA ILE A 7 11.14 -19.20 -9.86
C ILE A 7 10.27 -17.95 -9.94
N GLU A 8 9.60 -17.69 -8.88
CA GLU A 8 8.80 -16.52 -8.78
C GLU A 8 9.58 -15.50 -8.02
N ASP A 9 9.39 -14.24 -8.33
CA ASP A 9 10.14 -13.18 -7.70
C ASP A 9 9.59 -12.94 -6.33
N PRO A 10 10.38 -13.18 -5.30
CA PRO A 10 9.95 -13.03 -3.91
C PRO A 10 9.65 -11.57 -3.60
N LEU A 11 8.65 -11.34 -2.80
CA LEU A 11 8.32 -10.01 -2.40
C LEU A 11 9.27 -9.63 -1.29
N ASP A 12 10.40 -9.06 -1.69
CA ASP A 12 11.48 -8.76 -0.76
C ASP A 12 11.12 -7.57 0.09
N LYS A 13 10.50 -6.61 -0.52
CA LYS A 13 10.00 -5.49 0.21
C LYS A 13 8.57 -5.78 0.43
N PRO A 14 8.15 -5.81 1.66
CA PRO A 14 6.80 -6.08 1.93
C PRO A 14 5.96 -4.84 1.66
N ILE A 15 4.98 -5.04 0.86
CA ILE A 15 4.07 -4.00 0.53
C ILE A 15 2.85 -4.16 1.35
N GLN A 16 2.73 -3.34 2.31
CA GLN A 16 1.60 -3.35 3.18
C GLN A 16 0.55 -2.39 2.68
N TYR A 17 -0.65 -2.66 3.06
CA TYR A 17 -1.79 -1.94 2.56
C TYR A 17 -2.45 -1.23 3.70
N ARG A 18 -2.55 0.05 3.60
CA ARG A 18 -3.20 0.83 4.60
C ARG A 18 -4.40 1.49 3.96
N VAL A 19 -5.53 1.44 4.64
CA VAL A 19 -6.75 1.99 4.09
C VAL A 19 -6.80 3.50 4.24
N CYS A 20 -7.25 4.16 3.20
CA CYS A 20 -7.45 5.60 3.20
C CYS A 20 -8.67 5.97 4.03
N GLU A 21 -8.60 7.09 4.73
CA GLU A 21 -9.67 7.56 5.61
C GLU A 21 -10.90 7.94 4.79
N LYS A 22 -10.67 8.61 3.68
CA LYS A 22 -11.76 9.05 2.81
C LYS A 22 -12.33 7.88 2.01
N CYS A 23 -11.47 7.16 1.34
CA CYS A 23 -11.93 6.16 0.39
C CYS A 23 -12.21 4.79 1.01
N GLY A 24 -11.61 4.48 2.15
CA GLY A 24 -11.76 3.15 2.73
C GLY A 24 -11.22 2.10 1.78
N LYS A 25 -10.15 2.47 1.14
CA LYS A 25 -9.55 1.67 0.12
C LYS A 25 -8.11 1.42 0.55
N PRO A 26 -7.71 0.14 0.62
CA PRO A 26 -6.34 -0.24 0.98
C PRO A 26 -5.36 0.12 -0.14
N LEU A 27 -4.44 0.97 0.19
CA LEU A 27 -3.47 1.43 -0.74
C LEU A 27 -2.11 0.93 -0.34
N ALA A 28 -1.23 0.76 -1.31
CA ALA A 28 0.12 0.36 -1.03
C ALA A 28 0.81 1.48 -0.29
N LEU A 29 1.48 1.14 0.78
CA LEU A 29 2.16 2.11 1.67
C LEU A 29 3.09 3.07 0.92
N THR A 30 3.64 2.63 -0.19
CA THR A 30 4.55 3.42 -0.99
C THR A 30 3.78 4.52 -1.77
N ALA A 31 2.54 4.24 -2.12
CA ALA A 31 1.75 5.11 -3.00
C ALA A 31 0.90 6.09 -2.21
N ILE A 32 1.08 6.13 -0.90
CA ILE A 32 0.28 7.00 -0.02
C ILE A 32 0.27 8.46 -0.47
N VAL A 33 1.43 9.00 -0.84
CA VAL A 33 1.51 10.41 -1.25
C VAL A 33 0.74 10.68 -2.55
N ASP A 34 0.93 9.81 -3.54
CA ASP A 34 0.29 9.97 -4.86
C ASP A 34 -1.20 9.88 -4.69
N HIS A 35 -1.63 8.83 -4.00
CA HIS A 35 -3.03 8.62 -3.73
C HIS A 35 -3.59 9.81 -2.98
N LEU A 36 -3.04 10.11 -1.83
CA LEU A 36 -3.61 11.13 -0.95
C LEU A 36 -3.59 12.51 -1.60
N GLU A 37 -2.70 12.68 -2.56
CA GLU A 37 -2.64 13.90 -3.29
C GLU A 37 -3.78 14.01 -4.31
N ASN A 38 -3.98 12.99 -5.16
CA ASN A 38 -4.92 13.19 -6.26
C ASN A 38 -6.18 12.42 -6.11
N HIS A 39 -6.33 11.76 -4.98
CA HIS A 39 -7.44 10.85 -4.76
C HIS A 39 -8.80 11.35 -5.18
N CYS A 40 -9.50 10.47 -5.85
CA CYS A 40 -10.75 10.73 -6.53
C CYS A 40 -11.81 11.41 -5.65
N ALA A 41 -12.11 12.63 -6.01
CA ALA A 41 -13.19 13.36 -5.39
C ALA A 41 -14.45 13.04 -6.16
N GLY A 42 -15.54 12.86 -5.48
CA GLY A 42 -16.75 12.46 -6.16
C GLY A 42 -16.79 10.96 -6.33
N ALA A 43 -16.01 10.28 -5.52
CA ALA A 43 -15.91 8.85 -5.58
C ALA A 43 -16.65 8.22 -4.42
N SER A 44 -17.26 7.11 -4.67
CA SER A 44 -18.00 6.39 -3.68
C SER A 44 -17.75 4.91 -3.92
ZN ZN B . -8.35 8.33 -0.66
#